data_2NNH
#
_entry.id   2NNH
#
_cell.length_a   139.810
_cell.length_b   163.620
_cell.length_c   73.555
_cell.angle_alpha   90.00
_cell.angle_beta   90.00
_cell.angle_gamma   90.00
#
_symmetry.space_group_name_H-M   'P 21 21 2'
#
loop_
_entity.id
_entity.type
_entity.pdbx_description
1 polymer 'Cytochrome P450 2C8'
2 non-polymer 'SULFATE ION'
3 non-polymer 'PROTOPORPHYRIN IX CONTAINING FE'
4 non-polymer '(9cis)-retinoic acid'
5 non-polymer 'PALMITIC ACID'
6 water water
#
_entity_poly.entity_id   1
_entity_poly.type   'polypeptide(L)'
_entity_poly.pdbx_seq_one_letter_code
;MAKKTSSKGKLPPGPTPLPIIGNMLQIDVKDICKSFTNFSKVYGPVFTVYFGMNPIVVFHGYEAVKEALIDNGEEFSGRG
NSPISQRITKGLGIISSNGKRWKEIRRFSLTTLRNFGMGKRSIEDRVQEEAHCLVEELRKTKASPCDPTFILGCAPCNVI
CSVVFQKRFDYKDQNFLTLMKRFNENFRILNSPWIQVCNNFPLLIDCFPGTHNKVLKNVALTRSYIREKVKEHQASLDVN
NPRDFIDCFLIKMEQEKDNQKSEFNIENLVGTVADLFVAGTETTSTTLRYGLLLLLKHPEVTAKVQEEIDHVIGRHRSPC
MQDRSHMPYTDAVVHEIQRYSDLVPTGVPHAVTTDTKFRNYLIPKGTTIMALLTSVLHDDKEFPNPNIFDPGHFLDKNGN
FKKSDYFMPFSAGKRICAGEGLARMELFLFLTTILQNFNLKSVDDLKNLNTTAVTKGIVSLPPSYQICFIPVHHHH
;
_entity_poly.pdbx_strand_id   A,B
#
loop_
_chem_comp.id
_chem_comp.type
_chem_comp.name
_chem_comp.formula
9CR non-polymer '(9cis)-retinoic acid' 'C20 H28 O2'
HEM non-polymer 'PROTOPORPHYRIN IX CONTAINING FE' 'C34 H32 Fe N4 O4'
PLM non-polymer 'PALMITIC ACID' 'C16 H32 O2'
SO4 non-polymer 'SULFATE ION' 'O4 S -2'
#
# COMPACT_ATOMS: atom_id res chain seq x y z
N LYS A 10 -0.64 -43.15 -9.91
CA LYS A 10 0.72 -42.60 -9.67
C LYS A 10 0.90 -41.23 -10.33
N LEU A 11 1.22 -40.21 -9.51
CA LEU A 11 1.42 -38.85 -10.01
C LEU A 11 2.61 -38.79 -10.97
N PRO A 12 2.65 -37.77 -11.85
CA PRO A 12 3.73 -37.59 -12.82
C PRO A 12 5.01 -37.29 -12.04
N PRO A 13 6.15 -37.87 -12.45
CA PRO A 13 7.43 -37.64 -11.76
C PRO A 13 7.76 -36.17 -11.62
N GLY A 14 8.73 -35.87 -10.77
CA GLY A 14 9.13 -34.50 -10.56
C GLY A 14 10.20 -34.41 -9.51
N PRO A 15 10.75 -33.21 -9.27
CA PRO A 15 11.81 -33.09 -8.25
C PRO A 15 11.26 -33.60 -6.92
N THR A 16 12.05 -34.38 -6.20
CA THR A 16 11.61 -34.89 -4.91
C THR A 16 11.57 -33.70 -3.97
N PRO A 17 10.42 -33.51 -3.29
CA PRO A 17 10.20 -32.42 -2.33
C PRO A 17 10.80 -32.56 -0.93
N LEU A 18 10.72 -31.48 -0.15
CA LEU A 18 11.21 -31.46 1.21
C LEU A 18 9.98 -31.68 2.10
N PRO A 19 10.19 -32.13 3.34
CA PRO A 19 9.15 -32.42 4.33
C PRO A 19 8.02 -31.42 4.57
N ILE A 20 8.26 -30.14 4.36
CA ILE A 20 7.18 -29.18 4.62
C ILE A 20 6.99 -28.11 3.55
N ILE A 21 8.06 -27.79 2.83
CA ILE A 21 7.98 -26.75 1.83
C ILE A 21 8.04 -27.28 0.41
N GLY A 22 7.94 -28.60 0.26
CA GLY A 22 7.98 -29.20 -1.07
C GLY A 22 9.22 -28.79 -1.85
N ASN A 23 9.02 -28.28 -3.07
CA ASN A 23 10.13 -27.85 -3.91
C ASN A 23 10.28 -26.33 -3.91
N MET A 24 9.54 -25.67 -3.03
CA MET A 24 9.55 -24.22 -2.92
C MET A 24 10.93 -23.56 -3.00
N LEU A 25 11.88 -24.09 -2.25
CA LEU A 25 13.23 -23.55 -2.24
C LEU A 25 14.03 -24.13 -3.40
N GLN A 26 13.33 -24.42 -4.50
CA GLN A 26 13.94 -24.99 -5.69
C GLN A 26 13.29 -24.33 -6.89
N ILE A 27 12.38 -23.41 -6.63
CA ILE A 27 11.67 -22.70 -7.68
C ILE A 27 11.86 -21.20 -7.52
N ASP A 28 11.94 -20.49 -8.64
CA ASP A 28 12.11 -19.05 -8.62
C ASP A 28 10.73 -18.40 -8.60
N VAL A 29 10.24 -18.08 -7.40
CA VAL A 29 8.93 -17.45 -7.25
C VAL A 29 8.80 -16.18 -8.09
N LYS A 30 9.94 -15.59 -8.41
CA LYS A 30 9.96 -14.37 -9.21
C LYS A 30 9.74 -14.66 -10.70
N ASP A 31 10.13 -15.85 -11.14
CA ASP A 31 10.01 -16.23 -12.55
C ASP A 31 9.71 -17.72 -12.72
N ILE A 32 8.56 -18.15 -12.22
CA ILE A 32 8.16 -19.56 -12.24
C ILE A 32 8.30 -20.33 -13.57
N CYS A 33 7.96 -19.70 -14.68
CA CYS A 33 8.08 -20.38 -15.98
C CYS A 33 9.52 -20.76 -16.25
N LYS A 34 10.44 -19.93 -15.79
CA LYS A 34 11.86 -20.22 -15.98
C LYS A 34 12.13 -21.52 -15.23
N SER A 35 11.60 -21.64 -14.03
CA SER A 35 11.79 -22.84 -13.24
C SER A 35 11.09 -24.05 -13.85
N PHE A 36 9.86 -23.88 -14.35
CA PHE A 36 9.10 -24.96 -14.95
C PHE A 36 9.71 -25.44 -16.25
N THR A 37 10.09 -24.51 -17.12
CA THR A 37 10.71 -24.88 -18.38
C THR A 37 11.93 -25.72 -18.04
N ASN A 38 12.69 -25.26 -17.05
CA ASN A 38 13.87 -25.98 -16.61
C ASN A 38 13.52 -27.40 -16.13
N PHE A 39 12.39 -27.55 -15.46
CA PHE A 39 12.02 -28.88 -14.99
C PHE A 39 11.65 -29.76 -16.18
N SER A 40 11.07 -29.17 -17.22
CA SER A 40 10.69 -29.94 -18.39
C SER A 40 11.91 -30.53 -19.12
N LYS A 41 13.04 -29.84 -19.09
CA LYS A 41 14.21 -30.38 -19.75
C LYS A 41 14.66 -31.65 -19.02
N VAL A 42 14.32 -31.73 -17.73
CA VAL A 42 14.69 -32.89 -16.94
C VAL A 42 13.59 -33.94 -16.76
N TYR A 43 12.32 -33.51 -16.72
CA TYR A 43 11.22 -34.45 -16.51
C TYR A 43 10.26 -34.64 -17.68
N GLY A 44 10.39 -33.84 -18.73
CA GLY A 44 9.50 -33.99 -19.87
C GLY A 44 8.26 -33.12 -19.84
N PRO A 45 7.31 -33.34 -20.76
CA PRO A 45 6.04 -32.63 -20.93
C PRO A 45 5.16 -32.49 -19.70
N VAL A 46 5.08 -33.54 -18.89
CA VAL A 46 4.25 -33.50 -17.70
C VAL A 46 5.05 -33.86 -16.48
N PHE A 47 4.94 -33.05 -15.44
CA PHE A 47 5.69 -33.32 -14.23
C PHE A 47 5.00 -32.78 -13.00
N THR A 48 5.44 -33.24 -11.82
CA THR A 48 4.83 -32.80 -10.59
C THR A 48 5.78 -32.01 -9.72
N VAL A 49 5.27 -30.94 -9.11
CA VAL A 49 6.06 -30.11 -8.22
C VAL A 49 5.15 -29.86 -7.03
N TYR A 50 5.75 -29.65 -5.87
CA TYR A 50 4.99 -29.40 -4.65
C TYR A 50 5.23 -28.00 -4.11
N PHE A 51 4.15 -27.24 -3.93
CA PHE A 51 4.26 -25.90 -3.35
C PHE A 51 3.88 -26.08 -1.89
N GLY A 52 4.87 -26.28 -1.04
CA GLY A 52 4.56 -26.54 0.35
C GLY A 52 4.06 -27.98 0.37
N MET A 53 2.86 -28.19 0.90
CA MET A 53 2.27 -29.52 1.01
C MET A 53 1.47 -29.91 -0.24
N ASN A 54 0.99 -28.89 -0.94
CA ASN A 54 0.17 -29.06 -2.13
C ASN A 54 0.90 -29.49 -3.40
N PRO A 55 0.43 -30.58 -4.02
CA PRO A 55 1.01 -31.13 -5.25
C PRO A 55 0.41 -30.40 -6.46
N ILE A 56 1.28 -30.09 -7.42
CA ILE A 56 0.83 -29.39 -8.61
C ILE A 56 1.43 -30.04 -9.85
N VAL A 57 0.57 -30.47 -10.77
CA VAL A 57 1.08 -31.09 -11.99
C VAL A 57 1.04 -30.06 -13.13
N VAL A 58 2.18 -29.88 -13.78
CA VAL A 58 2.35 -28.92 -14.86
C VAL A 58 2.41 -29.57 -16.24
N PHE A 59 1.87 -28.87 -17.23
CA PHE A 59 1.84 -29.35 -18.61
C PHE A 59 2.62 -28.36 -19.45
N HIS A 60 3.64 -28.86 -20.12
CA HIS A 60 4.52 -28.05 -20.95
C HIS A 60 4.38 -28.47 -22.42
N GLY A 61 4.28 -27.49 -23.30
CA GLY A 61 4.16 -27.78 -24.73
C GLY A 61 2.75 -28.07 -25.22
N TYR A 62 2.46 -27.61 -26.43
CA TYR A 62 1.15 -27.79 -27.06
C TYR A 62 0.51 -29.17 -26.94
N GLU A 63 1.29 -30.24 -27.10
CA GLU A 63 0.73 -31.60 -27.03
C GLU A 63 0.11 -31.90 -25.67
N ALA A 64 0.89 -31.66 -24.61
CA ALA A 64 0.42 -31.92 -23.25
C ALA A 64 -0.71 -30.98 -22.86
N VAL A 65 -0.56 -29.70 -23.23
CA VAL A 65 -1.54 -28.67 -22.91
C VAL A 65 -2.89 -28.93 -23.59
N LYS A 66 -2.85 -29.39 -24.84
CA LYS A 66 -4.08 -29.68 -25.57
C LYS A 66 -4.78 -30.89 -24.99
N GLU A 67 -4.01 -31.96 -24.81
CA GLU A 67 -4.55 -33.21 -24.27
C GLU A 67 -5.25 -32.96 -22.94
N ALA A 68 -4.66 -32.08 -22.13
CA ALA A 68 -5.23 -31.78 -20.84
C ALA A 68 -6.47 -30.90 -20.96
N LEU A 69 -6.27 -29.64 -21.33
CA LEU A 69 -7.37 -28.69 -21.44
C LEU A 69 -8.44 -29.08 -22.43
N ILE A 70 -8.05 -29.59 -23.59
CA ILE A 70 -9.02 -29.94 -24.61
C ILE A 70 -9.54 -31.38 -24.59
N ASP A 71 -8.68 -32.33 -24.96
CA ASP A 71 -9.10 -33.72 -25.00
C ASP A 71 -9.69 -34.22 -23.68
N ASN A 72 -8.97 -34.06 -22.59
CA ASN A 72 -9.46 -34.47 -21.29
C ASN A 72 -10.03 -33.22 -20.62
N GLY A 73 -10.70 -32.41 -21.44
CA GLY A 73 -11.26 -31.16 -20.99
C GLY A 73 -12.22 -31.17 -19.82
N GLU A 74 -13.12 -32.15 -19.78
CA GLU A 74 -14.09 -32.20 -18.70
C GLU A 74 -13.44 -32.37 -17.32
N GLU A 75 -12.37 -33.16 -17.26
CA GLU A 75 -11.67 -33.42 -16.00
C GLU A 75 -10.88 -32.21 -15.49
N PHE A 76 -10.23 -31.51 -16.40
CA PHE A 76 -9.41 -30.35 -16.04
C PHE A 76 -10.13 -29.00 -16.01
N SER A 77 -11.45 -29.00 -15.88
CA SER A 77 -12.19 -27.75 -15.88
C SER A 77 -12.59 -27.26 -14.49
N GLY A 78 -11.83 -27.65 -13.48
CA GLY A 78 -12.18 -27.24 -12.13
C GLY A 78 -11.31 -26.15 -11.52
N ARG A 79 -11.91 -25.42 -10.58
CA ARG A 79 -11.24 -24.34 -9.86
C ARG A 79 -10.90 -24.88 -8.46
N GLY A 80 -9.61 -24.85 -8.12
CA GLY A 80 -9.12 -25.36 -6.84
C GLY A 80 -9.58 -24.77 -5.51
N ASN A 81 -9.94 -23.49 -5.48
CA ASN A 81 -10.38 -22.89 -4.24
C ASN A 81 -9.28 -22.79 -3.17
N SER A 82 -8.37 -21.83 -3.36
CA SER A 82 -7.27 -21.59 -2.44
C SER A 82 -7.69 -20.73 -1.25
N PRO A 83 -6.81 -20.58 -0.25
CA PRO A 83 -7.13 -19.76 0.92
C PRO A 83 -7.54 -18.33 0.58
N ILE A 84 -6.67 -17.60 -0.10
CA ILE A 84 -6.93 -16.21 -0.50
C ILE A 84 -8.21 -16.18 -1.31
N SER A 85 -8.31 -17.09 -2.27
CA SER A 85 -9.45 -17.22 -3.17
C SER A 85 -10.77 -17.41 -2.44
N GLN A 86 -10.75 -18.23 -1.39
CA GLN A 86 -11.94 -18.52 -0.61
C GLN A 86 -12.47 -17.37 0.27
N ARG A 87 -11.63 -16.40 0.62
CA ARG A 87 -12.13 -15.30 1.45
C ARG A 87 -12.58 -14.09 0.64
N ILE A 88 -12.26 -14.10 -0.66
CA ILE A 88 -12.66 -13.01 -1.53
C ILE A 88 -13.98 -13.34 -2.22
N THR A 89 -13.93 -14.28 -3.16
CA THR A 89 -15.09 -14.67 -3.96
C THR A 89 -16.07 -15.67 -3.36
N LYS A 90 -15.71 -16.27 -2.23
CA LYS A 90 -16.57 -17.27 -1.55
C LYS A 90 -17.24 -18.27 -2.50
N GLY A 91 -16.59 -18.54 -3.64
CA GLY A 91 -17.16 -19.49 -4.60
C GLY A 91 -18.30 -18.89 -5.42
N LEU A 92 -18.61 -17.62 -5.18
CA LEU A 92 -19.65 -16.90 -5.88
C LEU A 92 -19.20 -16.34 -7.23
N GLY A 93 -20.03 -16.47 -8.26
CA GLY A 93 -19.67 -15.92 -9.54
C GLY A 93 -19.34 -16.88 -10.66
N ILE A 94 -18.34 -16.53 -11.47
CA ILE A 94 -17.97 -17.34 -12.61
C ILE A 94 -16.51 -17.77 -12.64
N ILE A 95 -15.61 -16.94 -12.12
CA ILE A 95 -14.20 -17.29 -12.14
C ILE A 95 -13.86 -18.34 -11.08
N SER A 96 -14.49 -18.20 -9.92
CA SER A 96 -14.23 -19.11 -8.80
C SER A 96 -15.29 -20.16 -8.49
N SER A 97 -16.32 -20.26 -9.32
CA SER A 97 -17.36 -21.23 -9.07
C SER A 97 -17.06 -22.57 -9.71
N ASN A 98 -17.78 -23.60 -9.28
CA ASN A 98 -17.60 -24.94 -9.83
C ASN A 98 -18.95 -25.58 -10.08
N GLY A 99 -18.93 -26.76 -10.68
CA GLY A 99 -20.15 -27.50 -10.95
C GLY A 99 -21.36 -26.78 -11.53
N LYS A 100 -22.54 -27.26 -11.14
CA LYS A 100 -23.79 -26.71 -11.63
C LYS A 100 -23.81 -25.18 -11.67
N ARG A 101 -23.35 -24.54 -10.59
CA ARG A 101 -23.34 -23.09 -10.50
C ARG A 101 -22.47 -22.39 -11.54
N TRP A 102 -21.37 -23.01 -11.87
CA TRP A 102 -20.47 -22.45 -12.83
C TRP A 102 -21.05 -22.60 -14.25
N LYS A 103 -21.48 -23.80 -14.58
CA LYS A 103 -22.05 -24.08 -15.88
C LYS A 103 -23.25 -23.16 -16.17
N GLU A 104 -24.02 -22.86 -15.16
CA GLU A 104 -25.19 -22.02 -15.36
C GLU A 104 -24.88 -20.53 -15.39
N ILE A 105 -23.92 -20.08 -14.59
CA ILE A 105 -23.57 -18.67 -14.63
C ILE A 105 -22.74 -18.36 -15.87
N ARG A 106 -21.89 -19.28 -16.30
CA ARG A 106 -21.06 -19.05 -17.48
C ARG A 106 -21.85 -19.20 -18.78
N ARG A 107 -22.95 -19.95 -18.77
CA ARG A 107 -23.76 -20.10 -19.98
C ARG A 107 -24.61 -18.87 -20.17
N PHE A 108 -25.06 -18.30 -19.05
CA PHE A 108 -25.88 -17.12 -19.10
C PHE A 108 -24.99 -15.97 -19.52
N SER A 109 -23.87 -15.82 -18.82
CA SER A 109 -22.91 -14.76 -19.08
C SER A 109 -22.51 -14.69 -20.56
N LEU A 110 -22.12 -15.84 -21.11
CA LEU A 110 -21.73 -15.92 -22.51
C LEU A 110 -22.88 -15.47 -23.40
N THR A 111 -24.09 -15.90 -23.05
CA THR A 111 -25.27 -15.55 -23.82
C THR A 111 -25.56 -14.07 -23.78
N THR A 112 -25.39 -13.44 -22.63
CA THR A 112 -25.67 -12.01 -22.57
C THR A 112 -24.52 -11.10 -22.98
N LEU A 113 -23.35 -11.67 -23.21
CA LEU A 113 -22.19 -10.88 -23.65
C LEU A 113 -22.03 -10.99 -25.17
N ARG A 114 -23.09 -11.44 -25.85
CA ARG A 114 -23.06 -11.53 -27.30
C ARG A 114 -23.22 -10.09 -27.73
N ASN A 115 -22.67 -9.73 -28.88
CA ASN A 115 -22.74 -8.35 -29.33
C ASN A 115 -24.10 -7.70 -29.12
N PHE A 116 -25.17 -8.48 -29.28
CA PHE A 116 -26.54 -7.98 -29.10
C PHE A 116 -27.34 -8.76 -28.06
N GLY A 117 -26.72 -9.08 -26.92
CA GLY A 117 -27.43 -9.84 -25.92
C GLY A 117 -27.88 -9.00 -24.75
N MET A 118 -27.66 -7.70 -24.84
CA MET A 118 -28.03 -6.78 -23.75
C MET A 118 -29.00 -5.73 -24.21
N GLY A 119 -30.12 -6.13 -24.80
CA GLY A 119 -31.06 -5.12 -25.26
C GLY A 119 -30.62 -4.55 -26.60
N LYS A 120 -31.20 -3.43 -26.99
CA LYS A 120 -30.90 -2.82 -28.29
C LYS A 120 -29.46 -2.37 -28.59
N ARG A 121 -28.82 -1.65 -27.68
CA ARG A 121 -27.46 -1.20 -27.94
C ARG A 121 -26.48 -2.38 -27.87
N SER A 122 -25.67 -2.54 -28.91
CA SER A 122 -24.70 -3.64 -28.96
C SER A 122 -23.52 -3.37 -28.05
N ILE A 123 -22.69 -4.39 -27.85
CA ILE A 123 -21.48 -4.22 -27.05
C ILE A 123 -20.51 -3.41 -27.89
N GLU A 124 -20.45 -3.74 -29.19
CA GLU A 124 -19.58 -3.05 -30.15
C GLU A 124 -19.78 -1.53 -30.19
N ASP A 125 -21.01 -1.08 -29.99
CA ASP A 125 -21.30 0.35 -30.00
C ASP A 125 -20.73 0.99 -28.73
N ARG A 126 -20.85 0.29 -27.61
CA ARG A 126 -20.35 0.78 -26.33
C ARG A 126 -18.83 0.88 -26.32
N VAL A 127 -18.19 0.00 -27.09
CA VAL A 127 -16.73 -0.03 -27.19
C VAL A 127 -16.23 1.02 -28.15
N GLN A 128 -16.97 1.29 -29.22
CA GLN A 128 -16.53 2.32 -30.16
C GLN A 128 -16.62 3.68 -29.47
N GLU A 129 -17.68 3.90 -28.69
CA GLU A 129 -17.82 5.17 -28.00
C GLU A 129 -16.64 5.45 -27.09
N GLU A 130 -16.11 4.41 -26.48
CA GLU A 130 -14.96 4.54 -25.57
C GLU A 130 -13.67 4.84 -26.35
N ALA A 131 -13.48 4.13 -27.46
CA ALA A 131 -12.30 4.33 -28.30
C ALA A 131 -12.22 5.79 -28.75
N HIS A 132 -13.39 6.38 -28.97
CA HIS A 132 -13.45 7.78 -29.39
C HIS A 132 -13.03 8.62 -28.19
N CYS A 133 -13.60 8.34 -27.03
CA CYS A 133 -13.24 9.10 -25.84
C CYS A 133 -11.76 8.84 -25.53
N LEU A 134 -11.28 7.65 -25.86
CA LEU A 134 -9.88 7.35 -25.63
C LEU A 134 -9.03 8.28 -26.49
N VAL A 135 -9.21 8.26 -27.80
CA VAL A 135 -8.43 9.15 -28.64
C VAL A 135 -8.63 10.59 -28.20
N GLU A 136 -9.80 10.90 -27.67
CA GLU A 136 -10.08 12.26 -27.24
C GLU A 136 -9.18 12.69 -26.09
N GLU A 137 -8.82 11.74 -25.23
CA GLU A 137 -7.95 12.03 -24.09
C GLU A 137 -6.51 12.16 -24.52
N LEU A 138 -6.11 11.31 -25.45
CA LEU A 138 -4.75 11.34 -25.97
C LEU A 138 -4.49 12.67 -26.67
N ARG A 139 -5.56 13.34 -27.10
CA ARG A 139 -5.43 14.63 -27.75
C ARG A 139 -4.97 15.61 -26.70
N LYS A 140 -5.58 15.53 -25.53
CA LYS A 140 -5.25 16.41 -24.43
C LYS A 140 -3.80 16.36 -23.98
N THR A 141 -3.04 15.39 -24.46
CA THR A 141 -1.63 15.31 -24.09
C THR A 141 -0.87 16.26 -25.02
N LYS A 142 -1.62 16.86 -25.95
CA LYS A 142 -1.05 17.82 -26.91
C LYS A 142 0.30 17.37 -27.46
N ALA A 143 0.38 16.09 -27.81
CA ALA A 143 1.58 15.46 -28.39
C ALA A 143 2.84 15.48 -27.53
N SER A 144 2.71 15.74 -26.24
CA SER A 144 3.88 15.74 -25.37
C SER A 144 4.15 14.31 -24.85
N PRO A 145 5.39 14.05 -24.39
CA PRO A 145 5.67 12.71 -23.87
C PRO A 145 4.82 12.40 -22.64
N CYS A 146 4.33 11.17 -22.57
CA CYS A 146 3.51 10.73 -21.44
C CYS A 146 3.61 9.22 -21.25
N ASP A 147 3.22 8.76 -20.06
CA ASP A 147 3.20 7.34 -19.73
C ASP A 147 1.73 7.00 -19.94
N PRO A 148 1.41 6.19 -20.97
CA PRO A 148 0.03 5.82 -21.24
C PRO A 148 -0.69 4.87 -20.28
N THR A 149 0.00 4.41 -19.24
CA THR A 149 -0.62 3.47 -18.32
C THR A 149 -2.03 3.85 -17.86
N PHE A 150 -2.15 5.05 -17.32
CA PHE A 150 -3.43 5.53 -16.80
C PHE A 150 -4.59 5.71 -17.79
N ILE A 151 -4.39 6.52 -18.82
CA ILE A 151 -5.48 6.72 -19.78
C ILE A 151 -5.85 5.39 -20.44
N LEU A 152 -4.83 4.62 -20.80
CA LEU A 152 -4.98 3.32 -21.44
C LEU A 152 -5.69 2.34 -20.51
N GLY A 153 -5.62 2.59 -19.21
CA GLY A 153 -6.27 1.71 -18.26
C GLY A 153 -7.71 2.08 -18.00
N CYS A 154 -8.10 3.29 -18.38
CA CYS A 154 -9.47 3.74 -18.18
C CYS A 154 -10.44 3.10 -19.17
N ALA A 155 -10.15 3.20 -20.45
CA ALA A 155 -11.01 2.63 -21.48
C ALA A 155 -11.53 1.22 -21.17
N PRO A 156 -10.63 0.25 -20.95
CA PRO A 156 -11.10 -1.11 -20.65
C PRO A 156 -11.95 -1.19 -19.39
N CYS A 157 -11.71 -0.29 -18.46
CA CYS A 157 -12.49 -0.26 -17.23
C CYS A 157 -13.90 0.23 -17.55
N ASN A 158 -13.97 1.29 -18.34
CA ASN A 158 -15.24 1.87 -18.75
C ASN A 158 -16.06 0.94 -19.61
N VAL A 159 -15.39 0.14 -20.43
CA VAL A 159 -16.09 -0.83 -21.25
C VAL A 159 -16.93 -1.71 -20.32
N ILE A 160 -16.30 -2.30 -19.31
CA ILE A 160 -17.05 -3.15 -18.38
C ILE A 160 -18.16 -2.36 -17.73
N CYS A 161 -17.83 -1.16 -17.26
CA CYS A 161 -18.81 -0.28 -16.61
C CYS A 161 -19.99 -0.09 -17.56
N SER A 162 -19.69 0.06 -18.84
CA SER A 162 -20.72 0.27 -19.85
C SER A 162 -21.53 -0.99 -20.13
N VAL A 163 -20.89 -2.15 -19.92
CA VAL A 163 -21.52 -3.43 -20.15
C VAL A 163 -22.38 -3.90 -18.97
N VAL A 164 -22.04 -3.52 -17.75
CA VAL A 164 -22.82 -3.98 -16.60
C VAL A 164 -23.73 -2.89 -16.02
N PHE A 165 -23.44 -1.63 -16.34
CA PHE A 165 -24.27 -0.52 -15.88
C PHE A 165 -24.89 0.18 -17.09
N GLN A 166 -25.84 1.08 -16.86
CA GLN A 166 -26.48 1.78 -17.97
C GLN A 166 -25.46 2.52 -18.84
N LYS A 167 -25.03 3.69 -18.37
CA LYS A 167 -24.08 4.51 -19.09
C LYS A 167 -22.65 4.42 -18.53
N ARG A 168 -21.68 4.83 -19.35
CA ARG A 168 -20.27 4.82 -18.97
C ARG A 168 -20.04 6.01 -18.05
N PHE A 169 -18.82 6.10 -17.51
CA PHE A 169 -18.42 7.16 -16.59
C PHE A 169 -17.62 8.26 -17.28
N ASP A 170 -17.70 9.48 -16.75
CA ASP A 170 -16.93 10.58 -17.28
C ASP A 170 -15.55 10.22 -16.75
N TYR A 171 -14.52 10.29 -17.59
CA TYR A 171 -13.19 9.94 -17.10
C TYR A 171 -12.84 10.66 -15.81
N LYS A 172 -13.39 11.84 -15.59
CA LYS A 172 -13.09 12.58 -14.38
C LYS A 172 -14.11 12.36 -13.26
N ASP A 173 -15.07 11.49 -13.49
CA ASP A 173 -16.09 11.20 -12.46
C ASP A 173 -15.44 10.49 -11.27
N GLN A 174 -15.14 11.26 -10.24
CA GLN A 174 -14.52 10.76 -9.01
C GLN A 174 -15.01 9.39 -8.55
N ASN A 175 -16.28 9.10 -8.79
CA ASN A 175 -16.88 7.82 -8.40
C ASN A 175 -16.31 6.70 -9.25
N PHE A 176 -15.85 7.05 -10.44
CA PHE A 176 -15.25 6.14 -11.38
C PHE A 176 -13.79 5.91 -11.00
N LEU A 177 -13.10 6.99 -10.66
CA LEU A 177 -11.69 6.96 -10.28
C LEU A 177 -11.35 6.08 -9.07
N THR A 178 -12.13 6.18 -8.00
CA THR A 178 -11.85 5.35 -6.83
C THR A 178 -12.30 3.92 -7.10
N LEU A 179 -13.34 3.77 -7.93
CA LEU A 179 -13.86 2.45 -8.29
C LEU A 179 -12.81 1.76 -9.16
N MET A 180 -11.87 2.56 -9.67
CA MET A 180 -10.82 2.04 -10.53
C MET A 180 -9.53 1.78 -9.75
N LYS A 181 -9.27 2.61 -8.73
CA LYS A 181 -8.07 2.44 -7.93
C LYS A 181 -8.13 1.20 -7.05
N ARG A 182 -9.29 0.95 -6.45
CA ARG A 182 -9.44 -0.21 -5.58
C ARG A 182 -9.14 -1.50 -6.36
N PHE A 183 -9.71 -1.61 -7.57
CA PHE A 183 -9.50 -2.76 -8.44
C PHE A 183 -8.04 -2.86 -8.87
N ASN A 184 -7.39 -1.70 -9.02
CA ASN A 184 -6.01 -1.65 -9.44
C ASN A 184 -5.15 -1.96 -8.22
N GLU A 185 -5.45 -1.27 -7.13
CA GLU A 185 -4.72 -1.44 -5.88
C GLU A 185 -4.74 -2.91 -5.53
N ASN A 186 -5.94 -3.49 -5.52
CA ASN A 186 -6.06 -4.90 -5.19
C ASN A 186 -5.33 -5.76 -6.22
N PHE A 187 -5.35 -5.34 -7.48
CA PHE A 187 -4.66 -6.10 -8.52
C PHE A 187 -3.15 -6.10 -8.29
N ARG A 188 -2.61 -4.94 -7.95
CA ARG A 188 -1.18 -4.84 -7.68
C ARG A 188 -0.83 -5.80 -6.56
N ILE A 189 -1.56 -5.69 -5.45
CA ILE A 189 -1.31 -6.53 -4.27
C ILE A 189 -1.26 -8.02 -4.60
N LEU A 190 -2.30 -8.51 -5.26
CA LEU A 190 -2.42 -9.93 -5.58
C LEU A 190 -1.62 -10.45 -6.76
N ASN A 191 -0.96 -9.57 -7.50
CA ASN A 191 -0.16 -10.04 -8.62
C ASN A 191 1.31 -10.05 -8.16
N SER A 192 1.49 -10.22 -6.87
CA SER A 192 2.82 -10.28 -6.27
C SER A 192 3.26 -11.73 -6.03
N PRO A 193 4.57 -12.01 -6.11
CA PRO A 193 5.06 -13.38 -5.86
C PRO A 193 4.66 -13.88 -4.47
N TRP A 194 4.25 -12.95 -3.60
CA TRP A 194 3.84 -13.29 -2.25
C TRP A 194 2.53 -14.05 -2.14
N ILE A 195 1.63 -13.87 -3.10
CA ILE A 195 0.36 -14.58 -3.01
C ILE A 195 0.56 -16.08 -3.16
N GLN A 196 1.63 -16.47 -3.85
CA GLN A 196 1.91 -17.88 -4.02
C GLN A 196 2.30 -18.44 -2.65
N VAL A 197 3.31 -17.82 -2.05
CA VAL A 197 3.76 -18.28 -0.76
C VAL A 197 2.62 -18.33 0.23
N CYS A 198 1.84 -17.26 0.33
CA CYS A 198 0.74 -17.26 1.27
C CYS A 198 -0.35 -18.25 0.94
N ASN A 199 -0.55 -18.56 -0.34
CA ASN A 199 -1.60 -19.50 -0.75
C ASN A 199 -1.28 -20.95 -0.43
N ASN A 200 0.00 -21.26 -0.34
CA ASN A 200 0.43 -22.61 -0.01
C ASN A 200 0.90 -22.72 1.44
N PHE A 201 1.02 -21.57 2.10
CA PHE A 201 1.42 -21.51 3.51
C PHE A 201 0.52 -20.45 4.13
N PRO A 202 -0.77 -20.74 4.24
CA PRO A 202 -1.75 -19.80 4.82
C PRO A 202 -1.27 -19.02 6.05
N LEU A 203 -0.70 -19.70 7.03
CA LEU A 203 -0.21 -19.04 8.23
C LEU A 203 0.55 -17.73 7.97
N LEU A 204 1.31 -17.68 6.89
CA LEU A 204 2.05 -16.48 6.53
C LEU A 204 1.17 -15.25 6.29
N ILE A 205 -0.09 -15.48 5.97
CA ILE A 205 -1.02 -14.38 5.75
C ILE A 205 -1.08 -13.47 6.99
N ASP A 206 -0.89 -14.05 8.17
CA ASP A 206 -0.90 -13.28 9.42
C ASP A 206 0.19 -12.22 9.44
N CYS A 207 1.30 -12.51 8.75
CA CYS A 207 2.42 -11.57 8.70
C CYS A 207 2.13 -10.34 7.83
N PHE A 208 0.91 -10.24 7.30
CA PHE A 208 0.55 -9.12 6.44
C PHE A 208 -0.82 -8.52 6.77
N PRO A 209 -1.01 -8.04 8.01
CA PRO A 209 -2.28 -7.44 8.47
C PRO A 209 -2.72 -6.23 7.63
N GLY A 210 -1.80 -5.30 7.42
CA GLY A 210 -2.14 -4.12 6.67
C GLY A 210 -2.66 -4.48 5.30
N THR A 211 -1.81 -5.18 4.54
CA THR A 211 -2.14 -5.62 3.20
C THR A 211 -3.46 -6.39 3.17
N HIS A 212 -3.59 -7.34 4.09
CA HIS A 212 -4.80 -8.17 4.21
C HIS A 212 -6.03 -7.30 4.49
N ASN A 213 -5.86 -6.31 5.36
CA ASN A 213 -6.95 -5.42 5.71
C ASN A 213 -7.37 -4.54 4.52
N LYS A 214 -6.38 -4.13 3.73
CA LYS A 214 -6.60 -3.28 2.56
C LYS A 214 -7.47 -4.00 1.53
N VAL A 215 -7.05 -5.20 1.16
CA VAL A 215 -7.78 -6.00 0.20
C VAL A 215 -9.23 -6.13 0.65
N LEU A 216 -9.42 -6.60 1.89
CA LEU A 216 -10.77 -6.75 2.41
C LEU A 216 -11.59 -5.48 2.27
N LYS A 217 -11.02 -4.34 2.67
CA LYS A 217 -11.73 -3.07 2.57
C LYS A 217 -12.09 -2.75 1.11
N ASN A 218 -11.13 -2.87 0.21
CA ASN A 218 -11.35 -2.59 -1.21
C ASN A 218 -12.47 -3.47 -1.78
N VAL A 219 -12.54 -4.71 -1.31
CA VAL A 219 -13.56 -5.63 -1.78
C VAL A 219 -14.92 -5.24 -1.18
N ALA A 220 -14.93 -4.76 0.06
CA ALA A 220 -16.18 -4.36 0.69
C ALA A 220 -16.76 -3.15 -0.07
N LEU A 221 -15.94 -2.12 -0.26
CA LEU A 221 -16.38 -0.92 -0.97
C LEU A 221 -16.83 -1.22 -2.39
N THR A 222 -16.04 -2.01 -3.12
CA THR A 222 -16.37 -2.36 -4.49
C THR A 222 -17.69 -3.12 -4.59
N ARG A 223 -17.84 -4.18 -3.81
CA ARG A 223 -19.08 -4.94 -3.85
C ARG A 223 -20.23 -4.05 -3.39
N SER A 224 -19.95 -3.25 -2.37
CA SER A 224 -20.95 -2.36 -1.80
C SER A 224 -21.51 -1.43 -2.86
N TYR A 225 -20.65 -0.96 -3.75
CA TYR A 225 -21.08 -0.07 -4.81
C TYR A 225 -21.82 -0.87 -5.89
N ILE A 226 -21.37 -2.10 -6.13
CA ILE A 226 -22.00 -2.94 -7.12
C ILE A 226 -23.41 -3.28 -6.65
N ARG A 227 -23.59 -3.43 -5.35
CA ARG A 227 -24.91 -3.75 -4.81
C ARG A 227 -25.85 -2.55 -4.91
N GLU A 228 -25.32 -1.34 -4.86
CA GLU A 228 -26.14 -0.14 -4.97
C GLU A 228 -26.70 -0.08 -6.39
N LYS A 229 -25.80 -0.18 -7.36
CA LYS A 229 -26.18 -0.14 -8.77
C LYS A 229 -27.23 -1.19 -9.10
N VAL A 230 -27.33 -2.22 -8.29
CA VAL A 230 -28.34 -3.24 -8.51
C VAL A 230 -29.65 -2.73 -7.91
N LYS A 231 -29.57 -2.08 -6.75
CA LYS A 231 -30.77 -1.52 -6.10
C LYS A 231 -31.48 -0.69 -7.17
N GLU A 232 -30.78 0.34 -7.63
CA GLU A 232 -31.28 1.25 -8.65
C GLU A 232 -31.83 0.50 -9.85
N HIS A 233 -31.05 -0.44 -10.39
CA HIS A 233 -31.49 -1.22 -11.55
C HIS A 233 -32.82 -1.93 -11.34
N GLN A 234 -33.03 -2.48 -10.13
CA GLN A 234 -34.27 -3.19 -9.84
C GLN A 234 -35.49 -2.28 -9.71
N ALA A 235 -35.26 -1.00 -9.49
CA ALA A 235 -36.35 -0.04 -9.35
C ALA A 235 -36.72 0.62 -10.68
N SER A 236 -36.04 0.24 -11.75
CA SER A 236 -36.30 0.83 -13.06
C SER A 236 -36.30 -0.25 -14.12
N LEU A 237 -36.29 -1.50 -13.70
CA LEU A 237 -36.25 -2.62 -14.62
C LEU A 237 -37.50 -2.80 -15.46
N ASP A 238 -37.27 -2.97 -16.75
CA ASP A 238 -38.32 -3.21 -17.72
C ASP A 238 -37.88 -4.51 -18.38
N VAL A 239 -38.46 -5.62 -17.92
CA VAL A 239 -38.11 -6.93 -18.46
C VAL A 239 -38.11 -7.05 -19.99
N ASN A 240 -38.78 -6.11 -20.67
CA ASN A 240 -38.86 -6.14 -22.12
C ASN A 240 -37.64 -5.59 -22.85
N ASN A 241 -36.99 -4.58 -22.28
CA ASN A 241 -35.80 -4.00 -22.89
C ASN A 241 -34.61 -3.83 -21.92
N PRO A 242 -33.77 -4.86 -21.82
CA PRO A 242 -32.58 -4.88 -20.94
C PRO A 242 -31.65 -3.73 -21.29
N ARG A 243 -30.88 -3.27 -20.31
CA ARG A 243 -29.94 -2.16 -20.52
C ARG A 243 -28.48 -2.60 -20.47
N ASP A 244 -28.23 -3.67 -19.72
CA ASP A 244 -26.87 -4.15 -19.50
C ASP A 244 -26.85 -5.55 -18.88
N PHE A 245 -25.70 -5.92 -18.35
CA PHE A 245 -25.54 -7.22 -17.75
C PHE A 245 -26.42 -7.39 -16.52
N ILE A 246 -26.60 -6.31 -15.75
CA ILE A 246 -27.43 -6.38 -14.55
C ILE A 246 -28.88 -6.73 -14.86
N ASP A 247 -29.47 -5.99 -15.81
CA ASP A 247 -30.86 -6.24 -16.20
C ASP A 247 -31.03 -7.68 -16.65
N CYS A 248 -30.18 -8.11 -17.58
CA CYS A 248 -30.23 -9.47 -18.10
C CYS A 248 -30.17 -10.50 -16.99
N PHE A 249 -29.47 -10.18 -15.91
CA PHE A 249 -29.37 -11.10 -14.79
C PHE A 249 -30.67 -11.06 -13.99
N LEU A 250 -31.10 -9.85 -13.63
CA LEU A 250 -32.35 -9.72 -12.90
C LEU A 250 -33.53 -10.33 -13.64
N ILE A 251 -33.58 -10.17 -14.96
CA ILE A 251 -34.69 -10.78 -15.71
C ILE A 251 -34.60 -12.28 -15.51
N LYS A 252 -33.41 -12.84 -15.68
CA LYS A 252 -33.21 -14.27 -15.52
C LYS A 252 -33.66 -14.69 -14.13
N MET A 253 -33.27 -13.92 -13.12
CA MET A 253 -33.66 -14.20 -11.74
C MET A 253 -35.17 -14.36 -11.62
N GLU A 254 -35.91 -13.38 -12.14
CA GLU A 254 -37.36 -13.40 -12.09
C GLU A 254 -37.95 -14.65 -12.73
N GLN A 255 -37.32 -15.11 -13.81
CA GLN A 255 -37.78 -16.31 -14.52
C GLN A 255 -37.51 -17.59 -13.73
N GLU A 256 -36.63 -17.50 -12.73
CA GLU A 256 -36.26 -18.65 -11.92
C GLU A 256 -36.79 -18.55 -10.50
N LYS A 257 -37.48 -17.45 -10.21
CA LYS A 257 -38.02 -17.18 -8.89
C LYS A 257 -38.72 -18.33 -8.18
N ASP A 258 -39.27 -19.28 -8.92
CA ASP A 258 -39.97 -20.41 -8.30
C ASP A 258 -39.11 -21.53 -7.70
N ASN A 259 -38.08 -21.96 -8.42
CA ASN A 259 -37.21 -23.01 -7.89
C ASN A 259 -36.20 -22.35 -6.95
N GLN A 260 -36.37 -22.57 -5.65
CA GLN A 260 -35.52 -21.95 -4.63
C GLN A 260 -34.05 -22.39 -4.59
N LYS A 261 -33.69 -23.35 -5.44
CA LYS A 261 -32.29 -23.82 -5.51
C LYS A 261 -31.69 -23.31 -6.81
N SER A 262 -32.14 -22.12 -7.22
CA SER A 262 -31.67 -21.47 -8.44
C SER A 262 -30.39 -20.74 -8.16
N GLU A 263 -29.39 -20.93 -9.01
CA GLU A 263 -28.11 -20.26 -8.85
C GLU A 263 -28.21 -18.78 -9.20
N PHE A 264 -29.32 -18.38 -9.82
CA PHE A 264 -29.48 -17.00 -10.18
C PHE A 264 -30.07 -16.21 -9.02
N ASN A 265 -29.17 -15.72 -8.18
CA ASN A 265 -29.54 -14.94 -7.01
C ASN A 265 -28.58 -13.77 -6.89
N ILE A 266 -29.00 -12.73 -6.20
CA ILE A 266 -28.19 -11.53 -6.01
C ILE A 266 -26.70 -11.78 -5.75
N GLU A 267 -26.40 -12.74 -4.88
CA GLU A 267 -25.02 -13.06 -4.54
C GLU A 267 -24.17 -13.41 -5.75
N ASN A 268 -24.68 -14.27 -6.64
CA ASN A 268 -23.92 -14.62 -7.83
C ASN A 268 -23.85 -13.44 -8.81
N LEU A 269 -24.80 -12.53 -8.72
CA LEU A 269 -24.82 -11.36 -9.60
C LEU A 269 -23.69 -10.42 -9.21
N VAL A 270 -23.71 -9.91 -7.97
CA VAL A 270 -22.65 -9.02 -7.50
C VAL A 270 -21.29 -9.70 -7.72
N GLY A 271 -21.27 -11.01 -7.54
CA GLY A 271 -20.06 -11.78 -7.72
C GLY A 271 -19.60 -11.82 -9.18
N THR A 272 -20.52 -12.15 -10.08
CA THR A 272 -20.18 -12.24 -11.50
C THR A 272 -19.72 -10.88 -12.06
N VAL A 273 -20.45 -9.82 -11.70
CA VAL A 273 -20.07 -8.51 -12.17
C VAL A 273 -18.60 -8.30 -11.80
N ALA A 274 -18.27 -8.46 -10.52
CA ALA A 274 -16.88 -8.30 -10.06
C ALA A 274 -15.92 -9.14 -10.91
N ASP A 275 -16.29 -10.38 -11.17
CA ASP A 275 -15.44 -11.26 -11.96
C ASP A 275 -15.13 -10.58 -13.29
N LEU A 276 -16.14 -9.93 -13.88
CA LEU A 276 -15.94 -9.25 -15.15
C LEU A 276 -14.91 -8.14 -14.99
N PHE A 277 -15.10 -7.25 -14.03
CA PHE A 277 -14.11 -6.19 -13.82
C PHE A 277 -12.68 -6.74 -13.70
N VAL A 278 -12.42 -7.47 -12.62
CA VAL A 278 -11.10 -8.04 -12.34
C VAL A 278 -10.49 -8.86 -13.47
N ALA A 279 -11.31 -9.64 -14.17
CA ALA A 279 -10.75 -10.44 -15.25
C ALA A 279 -10.77 -9.65 -16.56
N GLY A 280 -11.48 -8.53 -16.58
CA GLY A 280 -11.57 -7.77 -17.81
C GLY A 280 -10.90 -6.42 -17.92
N THR A 281 -10.45 -5.85 -16.82
CA THR A 281 -9.82 -4.54 -16.84
C THR A 281 -8.30 -4.55 -17.02
N GLU A 282 -7.61 -5.00 -15.99
CA GLU A 282 -6.16 -5.07 -15.96
C GLU A 282 -5.55 -5.87 -17.09
N THR A 283 -6.26 -6.91 -17.50
CA THR A 283 -5.78 -7.77 -18.57
C THR A 283 -5.73 -7.10 -19.96
N THR A 284 -6.88 -6.71 -20.48
CA THR A 284 -6.86 -6.09 -21.80
C THR A 284 -6.11 -4.77 -21.73
N SER A 285 -6.25 -4.07 -20.61
CA SER A 285 -5.53 -2.81 -20.39
C SER A 285 -4.01 -3.02 -20.51
N THR A 286 -3.52 -4.12 -19.96
CA THR A 286 -2.10 -4.46 -19.99
C THR A 286 -1.66 -4.86 -21.40
N THR A 287 -2.56 -5.54 -22.12
CA THR A 287 -2.23 -5.98 -23.48
C THR A 287 -2.21 -4.79 -24.43
N LEU A 288 -3.07 -3.81 -24.15
CA LEU A 288 -3.12 -2.60 -24.95
C LEU A 288 -1.82 -1.85 -24.77
N ARG A 289 -1.42 -1.66 -23.51
CA ARG A 289 -0.20 -0.93 -23.21
C ARG A 289 1.03 -1.61 -23.83
N TYR A 290 1.07 -2.94 -23.78
CA TYR A 290 2.18 -3.67 -24.36
C TYR A 290 2.11 -3.50 -25.89
N GLY A 291 0.89 -3.33 -26.39
CA GLY A 291 0.68 -3.15 -27.82
C GLY A 291 1.20 -1.83 -28.38
N LEU A 292 0.86 -0.71 -27.74
CA LEU A 292 1.34 0.58 -28.23
C LEU A 292 2.85 0.66 -28.22
N LEU A 293 3.46 0.03 -27.23
CA LEU A 293 4.91 0.01 -27.09
C LEU A 293 5.52 -0.75 -28.26
N LEU A 294 4.93 -1.87 -28.63
CA LEU A 294 5.46 -2.67 -29.73
C LEU A 294 5.27 -1.95 -31.07
N LEU A 295 4.22 -1.13 -31.18
CA LEU A 295 3.98 -0.40 -32.41
C LEU A 295 4.91 0.83 -32.44
N LEU A 296 5.25 1.32 -31.25
CA LEU A 296 6.14 2.47 -31.08
C LEU A 296 7.56 2.07 -31.46
N LYS A 297 7.88 0.81 -31.22
CA LYS A 297 9.21 0.26 -31.48
C LYS A 297 9.35 -0.28 -32.92
N HIS A 298 8.22 -0.61 -33.53
CA HIS A 298 8.22 -1.15 -34.88
C HIS A 298 7.43 -0.25 -35.83
N PRO A 299 8.06 0.84 -36.30
CA PRO A 299 7.39 1.76 -37.21
C PRO A 299 7.00 1.10 -38.53
N GLU A 300 7.77 0.13 -38.98
CA GLU A 300 7.49 -0.55 -40.23
C GLU A 300 6.19 -1.31 -40.14
N VAL A 301 5.89 -1.86 -38.97
CA VAL A 301 4.64 -2.60 -38.74
C VAL A 301 3.47 -1.64 -38.64
N THR A 302 3.65 -0.55 -37.91
CA THR A 302 2.60 0.44 -37.72
C THR A 302 2.17 1.21 -38.99
N ALA A 303 3.09 1.42 -39.92
CA ALA A 303 2.76 2.13 -41.16
C ALA A 303 1.88 1.23 -42.02
N LYS A 304 2.23 -0.06 -42.03
CA LYS A 304 1.50 -1.04 -42.80
C LYS A 304 0.09 -1.12 -42.24
N VAL A 305 -0.01 -1.08 -40.92
CA VAL A 305 -1.32 -1.14 -40.30
C VAL A 305 -2.11 0.10 -40.69
N GLN A 306 -1.48 1.27 -40.56
CA GLN A 306 -2.15 2.52 -40.89
C GLN A 306 -2.58 2.56 -42.36
N GLU A 307 -1.88 1.81 -43.20
CA GLU A 307 -2.18 1.73 -44.63
C GLU A 307 -3.47 0.92 -44.84
N GLU A 308 -3.74 -0.01 -43.93
CA GLU A 308 -4.96 -0.81 -44.03
C GLU A 308 -6.15 0.00 -43.49
N ILE A 309 -5.90 0.82 -42.48
CA ILE A 309 -6.97 1.63 -41.91
C ILE A 309 -7.48 2.63 -42.94
N ASP A 310 -6.53 3.34 -43.54
CA ASP A 310 -6.81 4.35 -44.55
C ASP A 310 -7.63 3.74 -45.69
N HIS A 311 -7.15 2.60 -46.19
CA HIS A 311 -7.78 1.90 -47.30
C HIS A 311 -9.15 1.31 -47.06
N VAL A 312 -9.33 0.64 -45.93
CA VAL A 312 -10.60 -0.01 -45.63
C VAL A 312 -11.55 0.83 -44.79
N ILE A 313 -11.03 1.50 -43.79
CA ILE A 313 -11.87 2.30 -42.91
C ILE A 313 -11.96 3.76 -43.30
N GLY A 314 -10.83 4.34 -43.71
CA GLY A 314 -10.83 5.74 -44.08
C GLY A 314 -10.36 6.57 -42.90
N ARG A 315 -10.70 7.85 -42.89
CA ARG A 315 -10.26 8.71 -41.80
C ARG A 315 -11.37 9.52 -41.15
N HIS A 316 -12.59 9.36 -41.63
CA HIS A 316 -13.71 10.07 -41.06
C HIS A 316 -14.51 9.18 -40.10
N ARG A 317 -14.84 7.97 -40.54
CA ARG A 317 -15.64 7.07 -39.70
C ARG A 317 -14.84 6.13 -38.81
N SER A 318 -15.45 5.83 -37.66
CA SER A 318 -14.89 4.94 -36.65
C SER A 318 -14.77 3.52 -37.20
N PRO A 319 -13.65 2.84 -36.88
CA PRO A 319 -13.56 1.48 -37.41
C PRO A 319 -14.59 0.61 -36.69
N CYS A 320 -14.79 -0.61 -37.16
CA CYS A 320 -15.75 -1.52 -36.55
C CYS A 320 -15.27 -2.94 -36.79
N MET A 321 -15.80 -3.90 -36.02
CA MET A 321 -15.37 -5.27 -36.17
C MET A 321 -15.42 -5.84 -37.57
N GLN A 322 -16.37 -5.38 -38.38
CA GLN A 322 -16.51 -5.90 -39.74
C GLN A 322 -15.27 -5.62 -40.56
N ASP A 323 -14.52 -4.59 -40.18
CA ASP A 323 -13.32 -4.23 -40.92
C ASP A 323 -12.17 -5.23 -40.79
N ARG A 324 -12.21 -6.06 -39.76
CA ARG A 324 -11.17 -7.04 -39.54
C ARG A 324 -11.00 -8.04 -40.68
N SER A 325 -12.11 -8.54 -41.20
CA SER A 325 -12.09 -9.52 -42.30
C SER A 325 -11.41 -8.99 -43.54
N HIS A 326 -11.28 -7.67 -43.63
CA HIS A 326 -10.63 -7.04 -44.78
C HIS A 326 -9.24 -6.56 -44.39
N MET A 327 -8.87 -6.74 -43.13
CA MET A 327 -7.56 -6.30 -42.64
C MET A 327 -6.73 -7.43 -42.02
N PRO A 328 -6.35 -8.43 -42.83
CA PRO A 328 -5.55 -9.55 -42.35
C PRO A 328 -4.23 -9.14 -41.71
N TYR A 329 -3.63 -8.05 -42.18
CA TYR A 329 -2.36 -7.63 -41.59
C TYR A 329 -2.61 -7.14 -40.16
N THR A 330 -3.52 -6.19 -39.99
CA THR A 330 -3.79 -5.67 -38.65
C THR A 330 -4.19 -6.77 -37.67
N ASP A 331 -5.01 -7.70 -38.15
CA ASP A 331 -5.47 -8.79 -37.31
C ASP A 331 -4.24 -9.59 -36.87
N ALA A 332 -3.31 -9.82 -37.81
CA ALA A 332 -2.11 -10.57 -37.52
C ALA A 332 -1.23 -9.80 -36.53
N VAL A 333 -1.39 -8.48 -36.51
CA VAL A 333 -0.62 -7.66 -35.61
C VAL A 333 -1.24 -7.75 -34.22
N VAL A 334 -2.56 -7.78 -34.15
CA VAL A 334 -3.19 -7.91 -32.85
C VAL A 334 -2.91 -9.31 -32.28
N HIS A 335 -2.89 -10.34 -33.14
CA HIS A 335 -2.61 -11.71 -32.71
C HIS A 335 -1.16 -11.90 -32.24
N GLU A 336 -0.24 -11.18 -32.88
CA GLU A 336 1.16 -11.27 -32.53
C GLU A 336 1.45 -10.38 -31.33
N ILE A 337 0.54 -9.46 -31.02
CA ILE A 337 0.75 -8.62 -29.86
C ILE A 337 0.42 -9.49 -28.64
N GLN A 338 -0.65 -10.30 -28.75
CA GLN A 338 -1.05 -11.15 -27.64
C GLN A 338 -0.11 -12.32 -27.41
N ARG A 339 0.43 -12.87 -28.50
CA ARG A 339 1.35 -13.99 -28.39
C ARG A 339 2.65 -13.50 -27.74
N TYR A 340 3.21 -12.42 -28.27
CA TYR A 340 4.46 -11.86 -27.76
C TYR A 340 4.36 -11.39 -26.31
N SER A 341 3.37 -10.56 -26.01
CA SER A 341 3.20 -10.02 -24.67
C SER A 341 3.06 -11.13 -23.61
N ASP A 342 2.53 -12.27 -24.03
CA ASP A 342 2.36 -13.44 -23.17
C ASP A 342 1.91 -13.08 -21.74
N LEU A 343 0.79 -12.35 -21.70
CA LEU A 343 0.16 -11.86 -20.48
C LEU A 343 0.08 -12.79 -19.29
N VAL A 344 -0.29 -14.03 -19.54
CA VAL A 344 -0.45 -15.01 -18.45
C VAL A 344 0.28 -16.28 -18.87
N PRO A 345 1.61 -16.31 -18.70
CA PRO A 345 2.52 -17.42 -19.04
C PRO A 345 2.24 -18.79 -18.45
N THR A 346 1.94 -18.84 -17.15
CA THR A 346 1.67 -20.11 -16.48
C THR A 346 0.20 -20.42 -16.58
N GLY A 347 -0.55 -19.56 -17.24
CA GLY A 347 -1.98 -19.79 -17.32
C GLY A 347 -2.53 -19.63 -15.93
N VAL A 348 -3.83 -19.77 -15.77
CA VAL A 348 -4.48 -19.68 -14.47
C VAL A 348 -4.65 -21.13 -14.00
N PRO A 349 -4.39 -21.39 -12.72
CA PRO A 349 -4.55 -22.78 -12.25
C PRO A 349 -5.94 -23.39 -12.26
N HIS A 350 -5.97 -24.67 -12.58
CA HIS A 350 -7.19 -25.45 -12.58
C HIS A 350 -7.04 -26.54 -11.51
N ALA A 351 -8.09 -27.34 -11.35
CA ALA A 351 -8.12 -28.45 -10.40
C ALA A 351 -8.98 -29.51 -11.08
N VAL A 352 -8.58 -30.78 -10.97
CA VAL A 352 -9.37 -31.82 -11.61
C VAL A 352 -10.61 -32.12 -10.79
N THR A 353 -11.72 -32.34 -11.50
CA THR A 353 -13.01 -32.61 -10.89
C THR A 353 -13.12 -34.01 -10.26
N THR A 354 -12.33 -34.96 -10.76
CA THR A 354 -12.35 -36.33 -10.26
C THR A 354 -11.04 -37.02 -10.54
N ASP A 355 -10.84 -38.19 -9.92
CA ASP A 355 -9.62 -38.97 -10.17
C ASP A 355 -9.48 -38.98 -11.68
N THR A 356 -8.30 -38.63 -12.15
CA THR A 356 -8.07 -38.56 -13.58
C THR A 356 -6.81 -39.23 -14.07
N LYS A 357 -6.97 -40.02 -15.12
CA LYS A 357 -5.86 -40.72 -15.71
C LYS A 357 -5.40 -39.86 -16.87
N PHE A 358 -4.17 -39.37 -16.81
CA PHE A 358 -3.63 -38.57 -17.89
C PHE A 358 -2.60 -39.45 -18.57
N ARG A 359 -2.96 -39.90 -19.76
CA ARG A 359 -2.11 -40.79 -20.56
C ARG A 359 -1.54 -41.95 -19.71
N ASN A 360 -0.35 -41.78 -19.19
CA ASN A 360 0.30 -42.84 -18.41
C ASN A 360 0.16 -42.73 -16.90
N TYR A 361 -0.29 -41.57 -16.41
CA TYR A 361 -0.40 -41.37 -14.97
C TYR A 361 -1.81 -41.20 -14.44
N LEU A 362 -1.90 -41.09 -13.12
CA LEU A 362 -3.16 -40.91 -12.40
C LEU A 362 -3.07 -39.65 -11.54
N ILE A 363 -4.00 -38.72 -11.76
CA ILE A 363 -4.04 -37.48 -11.01
C ILE A 363 -5.25 -37.48 -10.08
N PRO A 364 -5.02 -37.57 -8.77
CA PRO A 364 -6.14 -37.57 -7.85
C PRO A 364 -7.02 -36.35 -7.95
N LYS A 365 -8.31 -36.55 -7.73
CA LYS A 365 -9.30 -35.47 -7.77
C LYS A 365 -8.91 -34.34 -6.84
N GLY A 366 -9.18 -33.11 -7.27
CA GLY A 366 -8.86 -31.95 -6.46
C GLY A 366 -7.47 -31.39 -6.65
N THR A 367 -6.61 -32.16 -7.30
CA THR A 367 -5.24 -31.71 -7.52
C THR A 367 -5.17 -30.48 -8.44
N THR A 368 -4.28 -29.55 -8.09
CA THR A 368 -4.08 -28.34 -8.83
C THR A 368 -3.29 -28.62 -10.12
N ILE A 369 -3.78 -28.08 -11.23
CA ILE A 369 -3.17 -28.27 -12.54
C ILE A 369 -2.73 -26.95 -13.17
N MET A 370 -1.67 -27.00 -13.95
CA MET A 370 -1.21 -25.81 -14.62
C MET A 370 -0.75 -26.10 -16.02
N ALA A 371 -1.40 -25.45 -16.98
CA ALA A 371 -1.05 -25.61 -18.39
C ALA A 371 -0.26 -24.36 -18.77
N LEU A 372 1.02 -24.54 -19.03
CA LEU A 372 1.89 -23.42 -19.38
C LEU A 372 1.64 -22.83 -20.76
N LEU A 373 0.75 -21.84 -20.84
CA LEU A 373 0.42 -21.16 -22.09
C LEU A 373 1.67 -20.67 -22.83
N THR A 374 2.65 -20.13 -22.10
CA THR A 374 3.88 -19.65 -22.73
C THR A 374 4.46 -20.71 -23.66
N SER A 375 4.58 -21.95 -23.15
CA SER A 375 5.16 -23.02 -23.96
C SER A 375 4.50 -23.20 -25.33
N VAL A 376 3.25 -22.76 -25.46
CA VAL A 376 2.53 -22.88 -26.72
C VAL A 376 2.75 -21.63 -27.54
N LEU A 377 2.53 -20.47 -26.92
CA LEU A 377 2.69 -19.18 -27.57
C LEU A 377 4.11 -18.99 -28.08
N HIS A 378 5.05 -19.75 -27.52
CA HIS A 378 6.44 -19.64 -27.95
C HIS A 378 7.03 -20.88 -28.60
N ASP A 379 6.17 -21.82 -28.99
CA ASP A 379 6.63 -23.03 -29.66
C ASP A 379 7.50 -22.59 -30.86
N ASP A 380 8.77 -22.98 -30.88
CA ASP A 380 9.66 -22.58 -31.97
C ASP A 380 9.51 -23.33 -33.29
N LYS A 381 8.46 -24.14 -33.43
CA LYS A 381 8.24 -24.85 -34.68
C LYS A 381 7.00 -24.21 -35.30
N GLU A 382 6.10 -23.75 -34.45
CA GLU A 382 4.87 -23.12 -34.88
C GLU A 382 5.10 -21.62 -35.15
N PHE A 383 6.05 -21.03 -34.44
CA PHE A 383 6.36 -19.62 -34.63
C PHE A 383 7.86 -19.41 -34.73
N PRO A 384 8.47 -19.77 -35.87
CA PRO A 384 9.91 -19.61 -36.06
C PRO A 384 10.41 -18.28 -35.45
N ASN A 385 11.44 -18.38 -34.62
CA ASN A 385 11.99 -17.23 -33.92
C ASN A 385 10.87 -16.64 -33.07
N PRO A 386 10.34 -17.42 -32.14
CA PRO A 386 9.26 -17.04 -31.24
C PRO A 386 9.56 -15.90 -30.29
N ASN A 387 10.83 -15.54 -30.16
CA ASN A 387 11.20 -14.46 -29.24
C ASN A 387 11.24 -13.11 -29.92
N ILE A 388 10.95 -13.08 -31.22
CA ILE A 388 10.93 -11.84 -31.96
C ILE A 388 9.50 -11.51 -32.35
N PHE A 389 9.16 -10.23 -32.29
CA PHE A 389 7.83 -9.75 -32.64
C PHE A 389 7.72 -9.70 -34.16
N ASP A 390 6.77 -10.45 -34.71
CA ASP A 390 6.57 -10.46 -36.15
C ASP A 390 5.16 -10.84 -36.58
N PRO A 391 4.43 -9.88 -37.15
CA PRO A 391 3.06 -10.17 -37.59
C PRO A 391 3.03 -11.39 -38.52
N GLY A 392 4.18 -11.69 -39.12
CA GLY A 392 4.29 -12.82 -40.03
C GLY A 392 3.98 -14.17 -39.44
N HIS A 393 4.08 -14.30 -38.12
CA HIS A 393 3.77 -15.55 -37.45
C HIS A 393 2.28 -15.88 -37.68
N PHE A 394 1.50 -14.89 -38.08
CA PHE A 394 0.07 -15.07 -38.31
C PHE A 394 -0.36 -14.66 -39.73
N LEU A 395 0.59 -14.71 -40.65
CA LEU A 395 0.37 -14.35 -42.05
C LEU A 395 0.94 -15.46 -42.90
N ASP A 396 0.27 -15.79 -44.01
CA ASP A 396 0.81 -16.83 -44.89
C ASP A 396 1.58 -16.19 -46.03
N LYS A 397 1.97 -16.99 -46.99
CA LYS A 397 2.76 -16.55 -48.14
C LYS A 397 2.13 -15.42 -48.97
N ASN A 398 0.81 -15.41 -49.08
CA ASN A 398 0.12 -14.37 -49.87
C ASN A 398 -0.42 -13.22 -49.02
N GLY A 399 0.08 -13.09 -47.80
CA GLY A 399 -0.36 -12.02 -46.94
C GLY A 399 -1.73 -12.21 -46.31
N ASN A 400 -2.28 -13.41 -46.41
CA ASN A 400 -3.58 -13.67 -45.80
C ASN A 400 -3.39 -14.18 -44.38
N PHE A 401 -4.39 -13.90 -43.54
CA PHE A 401 -4.36 -14.32 -42.15
C PHE A 401 -4.20 -15.82 -42.00
N LYS A 402 -3.25 -16.22 -41.18
CA LYS A 402 -3.02 -17.63 -40.94
C LYS A 402 -3.33 -17.89 -39.47
N LYS A 403 -4.35 -18.69 -39.21
CA LYS A 403 -4.72 -19.00 -37.83
C LYS A 403 -3.85 -20.13 -37.31
N SER A 404 -3.67 -20.17 -36.00
CA SER A 404 -2.85 -21.19 -35.37
C SER A 404 -3.55 -21.86 -34.20
N ASP A 405 -3.39 -23.18 -34.09
CA ASP A 405 -3.99 -23.92 -33.00
C ASP A 405 -3.20 -23.64 -31.73
N TYR A 406 -2.02 -23.05 -31.91
CA TYR A 406 -1.14 -22.70 -30.80
C TYR A 406 -1.42 -21.30 -30.25
N PHE A 407 -2.53 -20.69 -30.67
CA PHE A 407 -2.86 -19.37 -30.20
C PHE A 407 -3.79 -19.52 -29.01
N MET A 408 -3.19 -19.56 -27.81
CA MET A 408 -3.92 -19.74 -26.56
C MET A 408 -3.72 -18.66 -25.49
N PRO A 409 -3.69 -17.39 -25.89
CA PRO A 409 -3.51 -16.40 -24.83
C PRO A 409 -4.73 -16.31 -23.92
N PHE A 410 -5.82 -16.95 -24.31
CA PHE A 410 -7.04 -16.93 -23.52
C PHE A 410 -7.28 -18.34 -22.94
N SER A 411 -6.26 -19.18 -23.06
CA SER A 411 -6.27 -20.57 -22.61
C SER A 411 -7.09 -21.42 -23.59
N ALA A 412 -7.57 -22.58 -23.14
CA ALA A 412 -8.35 -23.45 -24.00
C ALA A 412 -9.23 -24.36 -23.17
N GLY A 413 -10.14 -25.06 -23.84
CA GLY A 413 -11.04 -25.97 -23.16
C GLY A 413 -12.31 -25.31 -22.69
N LYS A 414 -13.02 -25.98 -21.79
CA LYS A 414 -14.28 -25.46 -21.25
C LYS A 414 -14.08 -24.24 -20.37
N ARG A 415 -12.85 -23.88 -20.08
CA ARG A 415 -12.65 -22.73 -19.21
C ARG A 415 -12.03 -21.54 -19.92
N ILE A 416 -11.99 -21.60 -21.25
CA ILE A 416 -11.42 -20.51 -22.03
C ILE A 416 -12.09 -19.21 -21.63
N CYS A 417 -11.31 -18.14 -21.60
CA CYS A 417 -11.79 -16.81 -21.21
C CYS A 417 -13.21 -16.56 -21.67
N ALA A 418 -14.10 -16.22 -20.73
CA ALA A 418 -15.50 -15.97 -21.04
C ALA A 418 -15.74 -14.71 -21.88
N GLY A 419 -14.81 -13.76 -21.83
CA GLY A 419 -14.97 -12.53 -22.60
C GLY A 419 -13.93 -12.43 -23.71
N GLU A 420 -13.61 -13.55 -24.33
CA GLU A 420 -12.63 -13.54 -25.39
C GLU A 420 -13.10 -12.59 -26.48
N GLY A 421 -14.38 -12.69 -26.83
CA GLY A 421 -14.95 -11.84 -27.85
C GLY A 421 -14.79 -10.36 -27.55
N LEU A 422 -14.94 -10.00 -26.28
CA LEU A 422 -14.82 -8.61 -25.86
C LEU A 422 -13.34 -8.19 -25.77
N ALA A 423 -12.47 -9.11 -25.40
CA ALA A 423 -11.06 -8.74 -25.31
C ALA A 423 -10.56 -8.34 -26.71
N ARG A 424 -10.83 -9.19 -27.69
CA ARG A 424 -10.41 -8.94 -29.06
C ARG A 424 -11.05 -7.68 -29.67
N MET A 425 -12.30 -7.40 -29.30
CA MET A 425 -13.01 -6.23 -29.79
C MET A 425 -12.37 -4.96 -29.21
N GLU A 426 -12.01 -4.99 -27.94
CA GLU A 426 -11.36 -3.83 -27.34
C GLU A 426 -9.97 -3.63 -27.94
N LEU A 427 -9.26 -4.74 -28.21
CA LEU A 427 -7.93 -4.62 -28.79
C LEU A 427 -7.97 -4.10 -30.22
N PHE A 428 -8.83 -4.70 -31.05
CA PHE A 428 -8.94 -4.27 -32.43
C PHE A 428 -9.40 -2.83 -32.59
N LEU A 429 -10.53 -2.50 -31.94
CA LEU A 429 -11.10 -1.16 -32.01
C LEU A 429 -10.29 -0.09 -31.29
N PHE A 430 -9.52 -0.46 -30.27
CA PHE A 430 -8.72 0.55 -29.60
C PHE A 430 -7.44 0.83 -30.37
N LEU A 431 -6.74 -0.22 -30.78
CA LEU A 431 -5.49 -0.03 -31.51
C LEU A 431 -5.69 0.65 -32.86
N THR A 432 -6.67 0.19 -33.65
CA THR A 432 -6.93 0.79 -34.94
C THR A 432 -7.53 2.20 -34.82
N THR A 433 -8.40 2.42 -33.83
CA THR A 433 -8.93 3.78 -33.69
C THR A 433 -7.78 4.73 -33.35
N ILE A 434 -6.92 4.31 -32.41
CA ILE A 434 -5.78 5.14 -32.02
C ILE A 434 -4.83 5.36 -33.18
N LEU A 435 -4.49 4.31 -33.91
CA LEU A 435 -3.57 4.45 -35.02
C LEU A 435 -4.15 5.19 -36.23
N GLN A 436 -5.43 5.52 -36.16
CA GLN A 436 -6.08 6.23 -37.25
C GLN A 436 -5.99 7.74 -37.02
N ASN A 437 -5.93 8.12 -35.75
CA ASN A 437 -5.84 9.52 -35.35
C ASN A 437 -4.47 9.89 -34.85
N PHE A 438 -3.56 8.93 -34.79
CA PHE A 438 -2.23 9.21 -34.26
C PHE A 438 -1.09 8.39 -34.84
N ASN A 439 0.11 8.94 -34.68
CA ASN A 439 1.33 8.27 -35.08
C ASN A 439 2.10 8.19 -33.77
N LEU A 440 2.95 7.18 -33.64
CA LEU A 440 3.70 6.97 -32.39
C LEU A 440 5.15 7.44 -32.41
N LYS A 441 5.45 8.43 -31.56
CA LYS A 441 6.79 8.98 -31.48
C LYS A 441 7.46 8.68 -30.15
N SER A 442 8.75 8.32 -30.22
CA SER A 442 9.52 8.05 -29.01
C SER A 442 10.37 9.27 -28.73
N VAL A 443 10.67 9.52 -27.46
CA VAL A 443 11.51 10.67 -27.14
C VAL A 443 12.98 10.34 -27.38
N ASP A 444 13.30 9.06 -27.52
CA ASP A 444 14.67 8.61 -27.79
C ASP A 444 14.73 7.58 -28.91
N ASP A 445 15.94 7.21 -29.32
CA ASP A 445 16.10 6.22 -30.39
C ASP A 445 15.35 4.95 -30.02
N LEU A 446 14.62 4.40 -30.97
CA LEU A 446 13.85 3.19 -30.74
C LEU A 446 14.71 2.02 -30.28
N LYS A 447 16.00 2.09 -30.59
CA LYS A 447 16.97 1.07 -30.22
C LYS A 447 17.08 0.89 -28.70
N ASN A 448 16.93 1.99 -27.96
CA ASN A 448 17.00 1.99 -26.50
C ASN A 448 15.81 1.26 -25.88
N LEU A 449 14.68 1.39 -26.57
CA LEU A 449 13.41 0.83 -26.15
C LEU A 449 13.41 -0.68 -25.99
N ASN A 450 13.30 -1.14 -24.74
CA ASN A 450 13.28 -2.57 -24.44
C ASN A 450 11.84 -3.11 -24.39
N THR A 451 11.63 -4.29 -24.95
CA THR A 451 10.31 -4.89 -24.99
C THR A 451 10.16 -6.12 -24.10
N THR A 452 11.25 -6.51 -23.42
CA THR A 452 11.23 -7.67 -22.52
C THR A 452 10.25 -7.44 -21.36
N ALA A 453 9.28 -8.32 -21.22
CA ALA A 453 8.30 -8.19 -20.13
C ALA A 453 8.95 -8.31 -18.77
N VAL A 454 8.31 -7.71 -17.77
CA VAL A 454 8.76 -7.81 -16.40
C VAL A 454 7.83 -8.84 -15.77
N THR A 455 8.35 -10.05 -15.57
CA THR A 455 7.57 -11.15 -15.01
C THR A 455 7.81 -11.32 -13.53
N LYS A 456 6.86 -10.84 -12.72
CA LYS A 456 6.98 -10.95 -11.27
C LYS A 456 5.60 -11.26 -10.66
N GLY A 457 4.90 -12.23 -11.24
CA GLY A 457 3.59 -12.61 -10.73
C GLY A 457 2.80 -13.39 -11.77
N ILE A 458 1.56 -13.76 -11.45
CA ILE A 458 0.70 -14.50 -12.36
C ILE A 458 0.48 -13.74 -13.69
N VAL A 459 0.58 -12.41 -13.65
CA VAL A 459 0.41 -11.60 -14.86
C VAL A 459 1.63 -10.77 -15.25
N SER A 460 2.16 -10.99 -16.44
CA SER A 460 3.33 -10.25 -16.92
C SER A 460 2.96 -8.84 -17.40
N LEU A 461 3.80 -7.89 -17.04
CA LEU A 461 3.57 -6.50 -17.41
C LEU A 461 4.65 -6.02 -18.36
N PRO A 462 4.31 -5.03 -19.20
CA PRO A 462 5.34 -4.55 -20.13
C PRO A 462 6.22 -3.62 -19.32
N PRO A 463 7.42 -3.36 -19.82
CA PRO A 463 8.30 -2.45 -19.08
C PRO A 463 7.73 -1.04 -19.21
N SER A 464 7.97 -0.22 -18.19
CA SER A 464 7.54 1.17 -18.19
C SER A 464 8.10 1.91 -19.43
N TYR A 465 7.39 2.92 -19.94
CA TYR A 465 7.85 3.65 -21.11
C TYR A 465 7.10 4.94 -21.38
N GLN A 466 7.76 5.87 -22.06
CA GLN A 466 7.15 7.14 -22.41
C GLN A 466 6.76 7.04 -23.89
N ILE A 467 5.75 7.80 -24.30
CA ILE A 467 5.29 7.75 -25.69
C ILE A 467 4.58 9.05 -26.05
N CYS A 468 4.85 9.53 -27.27
CA CYS A 468 4.23 10.76 -27.76
C CYS A 468 3.17 10.43 -28.80
N PHE A 469 1.96 10.92 -28.56
CA PHE A 469 0.86 10.69 -29.50
C PHE A 469 0.75 11.87 -30.46
N ILE A 470 1.38 11.76 -31.62
CA ILE A 470 1.35 12.83 -32.58
C ILE A 470 0.23 12.71 -33.62
N PRO A 471 -0.74 13.62 -33.56
CA PRO A 471 -1.88 13.61 -34.49
C PRO A 471 -1.47 13.64 -35.97
N VAL A 472 -2.01 12.72 -36.75
CA VAL A 472 -1.71 12.62 -38.17
C VAL A 472 -2.34 13.77 -38.96
N LYS B 10 34.95 -6.64 26.46
CA LYS B 10 33.91 -7.62 26.06
C LYS B 10 32.48 -7.07 26.26
N LEU B 11 31.58 -7.53 25.39
CA LEU B 11 30.18 -7.13 25.42
C LEU B 11 29.44 -7.85 26.54
N PRO B 12 28.29 -7.32 26.96
CA PRO B 12 27.49 -7.93 28.02
C PRO B 12 26.92 -9.30 27.57
N PRO B 13 26.89 -10.29 28.47
CA PRO B 13 26.38 -11.61 28.10
C PRO B 13 24.94 -11.49 27.61
N GLY B 14 24.40 -12.59 27.11
CA GLY B 14 23.04 -12.58 26.63
C GLY B 14 22.70 -13.91 26.01
N PRO B 15 21.51 -14.06 25.41
CA PRO B 15 21.10 -15.32 24.79
C PRO B 15 22.14 -15.82 23.78
N THR B 16 22.34 -17.13 23.72
CA THR B 16 23.30 -17.70 22.78
C THR B 16 22.71 -17.59 21.39
N PRO B 17 23.33 -16.79 20.51
CA PRO B 17 22.85 -16.60 19.14
C PRO B 17 23.18 -17.74 18.20
N LEU B 18 22.21 -18.12 17.36
CA LEU B 18 22.43 -19.16 16.38
C LEU B 18 23.30 -18.55 15.28
N PRO B 19 23.94 -19.41 14.46
CA PRO B 19 24.82 -19.08 13.35
C PRO B 19 24.57 -17.84 12.48
N ILE B 20 23.38 -17.70 11.89
CA ILE B 20 23.15 -16.54 11.03
C ILE B 20 22.09 -15.52 11.46
N ILE B 21 20.97 -15.98 12.01
CA ILE B 21 19.92 -15.08 12.44
C ILE B 21 20.06 -14.61 13.89
N GLY B 22 21.27 -14.72 14.44
CA GLY B 22 21.51 -14.32 15.82
C GLY B 22 20.43 -14.81 16.77
N ASN B 23 19.72 -13.89 17.42
CA ASN B 23 18.66 -14.29 18.33
C ASN B 23 17.26 -14.05 17.76
N MET B 24 17.18 -13.75 16.47
CA MET B 24 15.89 -13.50 15.83
C MET B 24 14.81 -14.52 16.17
N LEU B 25 15.13 -15.80 16.05
CA LEU B 25 14.15 -16.84 16.34
C LEU B 25 13.85 -16.91 17.83
N GLN B 26 14.79 -16.44 18.64
CA GLN B 26 14.63 -16.46 20.09
C GLN B 26 13.77 -15.34 20.64
N ILE B 27 13.29 -14.46 19.77
CA ILE B 27 12.45 -13.34 20.22
C ILE B 27 11.04 -13.34 19.62
N ASP B 28 10.45 -12.15 19.54
CA ASP B 28 9.10 -11.99 19.00
C ASP B 28 8.91 -10.60 18.40
N VAL B 29 9.09 -10.50 17.09
CA VAL B 29 8.95 -9.24 16.37
C VAL B 29 7.68 -8.43 16.68
N LYS B 30 6.65 -9.11 17.18
CA LYS B 30 5.40 -8.45 17.52
C LYS B 30 5.60 -7.60 18.78
N ASP B 31 5.89 -8.29 19.89
CA ASP B 31 6.12 -7.65 21.19
C ASP B 31 7.62 -7.74 21.53
N ILE B 32 8.43 -7.11 20.70
CA ILE B 32 9.87 -7.13 20.88
C ILE B 32 10.27 -6.73 22.32
N CYS B 33 9.43 -5.94 22.97
CA CYS B 33 9.68 -5.51 24.34
C CYS B 33 9.45 -6.61 25.38
N LYS B 34 8.49 -7.50 25.13
CA LYS B 34 8.26 -8.57 26.09
C LYS B 34 9.49 -9.48 26.08
N SER B 35 10.08 -9.67 24.91
CA SER B 35 11.27 -10.51 24.80
C SER B 35 12.35 -9.87 25.65
N PHE B 36 12.60 -8.59 25.42
CA PHE B 36 13.63 -7.88 26.17
C PHE B 36 13.36 -7.88 27.67
N THR B 37 12.12 -7.60 28.07
CA THR B 37 11.77 -7.61 29.49
C THR B 37 12.08 -8.98 30.09
N ASN B 38 11.69 -10.03 29.37
CA ASN B 38 11.93 -11.40 29.82
C ASN B 38 13.43 -11.71 29.88
N PHE B 39 14.14 -11.29 28.85
CA PHE B 39 15.59 -11.51 28.81
C PHE B 39 16.24 -10.94 30.06
N SER B 40 15.86 -9.72 30.41
CA SER B 40 16.41 -9.03 31.57
C SER B 40 16.19 -9.76 32.88
N LYS B 41 15.23 -10.70 32.89
CA LYS B 41 14.96 -11.47 34.09
C LYS B 41 15.92 -12.66 34.15
N VAL B 42 16.79 -12.74 33.15
CA VAL B 42 17.76 -13.82 33.05
C VAL B 42 19.21 -13.32 33.04
N TYR B 43 19.48 -12.34 32.19
CA TYR B 43 20.83 -11.82 32.03
C TYR B 43 21.13 -10.52 32.77
N GLY B 44 20.12 -9.97 33.46
CA GLY B 44 20.35 -8.73 34.19
C GLY B 44 19.93 -7.45 33.49
N PRO B 45 20.36 -6.31 34.05
CA PRO B 45 20.08 -4.96 33.56
C PRO B 45 20.61 -4.69 32.16
N VAL B 46 21.85 -5.11 31.93
CA VAL B 46 22.50 -4.91 30.64
C VAL B 46 22.77 -6.26 30.01
N PHE B 47 22.39 -6.40 28.76
CA PHE B 47 22.59 -7.63 28.03
C PHE B 47 22.64 -7.35 26.53
N THR B 48 23.16 -8.32 25.79
CA THR B 48 23.29 -8.22 24.35
C THR B 48 22.46 -9.27 23.65
N VAL B 49 21.90 -8.89 22.51
CA VAL B 49 21.09 -9.80 21.70
C VAL B 49 21.53 -9.47 20.28
N TYR B 50 21.50 -10.46 19.40
CA TYR B 50 21.90 -10.24 18.01
C TYR B 50 20.75 -10.34 17.02
N PHE B 51 20.55 -9.29 16.24
CA PHE B 51 19.52 -9.32 15.20
C PHE B 51 20.32 -9.68 13.97
N GLY B 52 20.40 -10.98 13.69
CA GLY B 52 21.18 -11.43 12.57
C GLY B 52 22.63 -11.39 13.01
N MET B 53 23.46 -10.64 12.30
CA MET B 53 24.87 -10.53 12.64
C MET B 53 25.15 -9.24 13.41
N ASN B 54 24.11 -8.45 13.64
CA ASN B 54 24.31 -7.19 14.33
C ASN B 54 23.99 -7.26 15.82
N PRO B 55 25.01 -7.01 16.66
CA PRO B 55 24.90 -7.02 18.13
C PRO B 55 24.22 -5.74 18.63
N ILE B 56 23.22 -5.91 19.47
CA ILE B 56 22.50 -4.77 20.03
C ILE B 56 22.53 -4.91 21.55
N VAL B 57 23.02 -3.89 22.25
CA VAL B 57 23.05 -4.00 23.69
C VAL B 57 21.87 -3.26 24.31
N VAL B 58 21.07 -4.01 25.06
CA VAL B 58 19.86 -3.50 25.69
C VAL B 58 20.00 -3.04 27.14
N PHE B 59 19.68 -1.78 27.39
CA PHE B 59 19.74 -1.24 28.74
C PHE B 59 18.32 -1.22 29.28
N HIS B 60 18.10 -2.00 30.34
CA HIS B 60 16.80 -2.13 30.96
C HIS B 60 16.75 -1.65 32.42
N GLY B 61 15.85 -0.71 32.71
CA GLY B 61 15.73 -0.18 34.06
C GLY B 61 16.24 1.26 34.18
N TYR B 62 15.82 1.97 35.22
CA TYR B 62 16.25 3.36 35.42
C TYR B 62 17.76 3.48 35.62
N GLU B 63 18.33 2.59 36.44
CA GLU B 63 19.77 2.60 36.68
C GLU B 63 20.56 2.55 35.38
N ALA B 64 20.34 1.51 34.60
CA ALA B 64 21.03 1.33 33.33
C ALA B 64 20.76 2.43 32.30
N VAL B 65 19.49 2.74 32.04
CA VAL B 65 19.14 3.77 31.07
C VAL B 65 19.81 5.11 31.42
N LYS B 66 19.60 5.57 32.64
CA LYS B 66 20.18 6.83 33.10
C LYS B 66 21.69 6.82 32.91
N GLU B 67 22.32 5.76 33.39
CA GLU B 67 23.77 5.62 33.28
C GLU B 67 24.24 5.64 31.83
N ALA B 68 23.38 5.20 30.91
CA ALA B 68 23.75 5.18 29.50
C ALA B 68 23.38 6.49 28.80
N LEU B 69 22.11 6.86 28.84
CA LEU B 69 21.69 8.08 28.17
C LEU B 69 22.18 9.34 28.89
N ILE B 70 22.24 9.29 30.21
CA ILE B 70 22.66 10.46 30.97
C ILE B 70 24.14 10.49 31.38
N ASP B 71 24.54 9.60 32.28
CA ASP B 71 25.93 9.58 32.75
C ASP B 71 26.91 9.02 31.73
N ASN B 72 26.70 9.31 30.44
CA ASN B 72 27.56 8.83 29.35
C ASN B 72 27.02 9.34 28.02
N GLY B 73 26.10 10.30 28.12
CA GLY B 73 25.46 10.88 26.96
C GLY B 73 26.24 11.15 25.68
N GLU B 74 27.48 11.59 25.81
CA GLU B 74 28.28 11.87 24.62
C GLU B 74 28.60 10.58 23.85
N GLU B 75 28.89 9.51 24.57
CA GLU B 75 29.21 8.24 23.93
C GLU B 75 27.98 7.58 23.34
N PHE B 76 26.87 7.61 24.07
CA PHE B 76 25.62 7.00 23.63
C PHE B 76 24.65 7.89 22.86
N SER B 77 25.13 8.98 22.26
CA SER B 77 24.26 9.89 21.52
C SER B 77 24.37 9.81 20.00
N GLY B 78 25.01 8.75 19.50
CA GLY B 78 25.14 8.60 18.06
C GLY B 78 23.97 7.88 17.43
N ARG B 79 23.71 8.17 16.17
CA ARG B 79 22.63 7.53 15.43
C ARG B 79 23.33 6.48 14.55
N GLY B 80 22.74 5.29 14.42
CA GLY B 80 23.35 4.20 13.66
C GLY B 80 23.40 4.11 12.13
N ASN B 81 22.45 4.69 11.42
CA ASN B 81 22.45 4.64 9.94
C ASN B 81 22.25 3.23 9.38
N SER B 82 20.99 2.80 9.35
CA SER B 82 20.63 1.48 8.84
C SER B 82 20.33 1.57 7.35
N PRO B 83 20.19 0.42 6.67
CA PRO B 83 19.90 0.43 5.24
C PRO B 83 18.69 1.31 4.91
N ILE B 84 17.53 0.99 5.49
CA ILE B 84 16.31 1.75 5.24
C ILE B 84 16.51 3.23 5.57
N SER B 85 17.22 3.48 6.65
CA SER B 85 17.50 4.85 7.07
C SER B 85 18.29 5.60 6.00
N GLN B 86 19.26 4.91 5.40
CA GLN B 86 20.11 5.50 4.37
C GLN B 86 19.41 5.84 3.04
N ARG B 87 18.46 5.00 2.61
CA ARG B 87 17.76 5.27 1.36
C ARG B 87 16.77 6.43 1.49
N ILE B 88 16.35 6.73 2.70
CA ILE B 88 15.37 7.80 2.94
C ILE B 88 15.96 9.17 3.32
N THR B 89 16.55 9.23 4.51
CA THR B 89 17.13 10.45 5.06
C THR B 89 18.50 10.84 4.46
N LYS B 90 19.33 9.84 4.19
CA LYS B 90 20.67 10.08 3.64
C LYS B 90 21.54 10.90 4.59
N GLY B 91 21.39 10.68 5.89
CA GLY B 91 22.17 11.39 6.88
C GLY B 91 21.87 12.88 7.03
N LEU B 92 20.98 13.41 6.20
CA LEU B 92 20.61 14.82 6.24
C LEU B 92 19.68 15.11 7.41
N GLY B 93 19.33 16.38 7.58
CA GLY B 93 18.43 16.78 8.64
C GLY B 93 18.97 16.65 10.04
N ILE B 94 18.09 16.39 11.00
CA ILE B 94 18.51 16.27 12.39
C ILE B 94 18.32 14.90 13.03
N ILE B 95 17.25 14.19 12.66
CA ILE B 95 17.00 12.89 13.24
C ILE B 95 18.12 11.86 13.08
N SER B 96 18.56 11.66 11.84
CA SER B 96 19.59 10.66 11.55
C SER B 96 21.02 11.15 11.36
N SER B 97 21.25 12.45 11.46
CA SER B 97 22.57 13.00 11.28
C SER B 97 23.47 12.74 12.47
N ASN B 98 24.77 12.95 12.29
CA ASN B 98 25.75 12.75 13.35
C ASN B 98 26.80 13.85 13.42
N GLY B 99 27.60 13.83 14.48
CA GLY B 99 28.66 14.81 14.67
C GLY B 99 28.31 16.28 14.44
N LYS B 100 29.28 17.02 13.93
CA LYS B 100 29.10 18.45 13.67
C LYS B 100 27.79 18.74 12.94
N ARG B 101 27.42 17.85 12.02
CA ARG B 101 26.20 18.02 11.24
C ARG B 101 25.00 18.12 12.21
N TRP B 102 24.86 17.10 13.04
CA TRP B 102 23.77 17.02 14.01
C TRP B 102 23.78 18.17 15.02
N LYS B 103 24.91 18.34 15.70
CA LYS B 103 25.05 19.37 16.72
C LYS B 103 24.71 20.79 16.24
N GLU B 104 25.04 21.11 14.99
CA GLU B 104 24.77 22.43 14.46
C GLU B 104 23.33 22.63 14.02
N ILE B 105 22.76 21.62 13.38
CA ILE B 105 21.38 21.69 12.94
C ILE B 105 20.41 21.62 14.12
N ARG B 106 20.71 20.76 15.10
CA ARG B 106 19.88 20.60 16.28
C ARG B 106 19.92 21.82 17.19
N ARG B 107 21.08 22.46 17.25
CA ARG B 107 21.25 23.64 18.09
C ARG B 107 20.39 24.77 17.52
N PHE B 108 20.47 24.98 16.22
CA PHE B 108 19.71 26.01 15.54
C PHE B 108 18.22 25.74 15.60
N SER B 109 17.84 24.47 15.51
CA SER B 109 16.44 24.11 15.54
C SER B 109 15.85 24.36 16.92
N LEU B 110 16.58 23.97 17.96
CA LEU B 110 16.12 24.18 19.32
C LEU B 110 15.88 25.68 19.57
N THR B 111 16.77 26.52 19.06
CA THR B 111 16.67 27.96 19.22
C THR B 111 15.48 28.57 18.49
N THR B 112 15.24 28.15 17.26
CA THR B 112 14.13 28.72 16.50
C THR B 112 12.77 28.12 16.87
N LEU B 113 12.77 27.08 17.70
CA LEU B 113 11.53 26.43 18.12
C LEU B 113 11.12 26.89 19.49
N ARG B 114 11.79 27.93 19.99
CA ARG B 114 11.44 28.48 21.29
C ARG B 114 10.18 29.25 21.04
N ASN B 115 9.38 29.45 22.08
CA ASN B 115 8.09 30.16 21.95
C ASN B 115 8.26 31.35 21.00
N PHE B 116 9.26 32.20 21.27
CA PHE B 116 9.53 33.38 20.44
C PHE B 116 10.82 33.25 19.60
N GLY B 117 10.94 32.16 18.84
CA GLY B 117 12.13 31.96 18.03
C GLY B 117 11.97 32.22 16.55
N MET B 118 10.76 32.54 16.10
CA MET B 118 10.52 32.78 14.67
C MET B 118 9.95 34.14 14.28
N GLY B 119 10.14 35.14 15.13
CA GLY B 119 9.61 36.45 14.81
C GLY B 119 8.55 36.97 15.74
N LYS B 120 7.63 37.75 15.18
CA LYS B 120 6.55 38.36 15.95
C LYS B 120 5.56 37.35 16.52
N ARG B 121 4.97 36.54 15.66
CA ARG B 121 4.00 35.57 16.11
C ARG B 121 4.66 34.41 16.87
N SER B 122 4.19 34.16 18.09
CA SER B 122 4.74 33.09 18.94
C SER B 122 4.26 31.70 18.50
N ILE B 123 4.86 30.66 19.05
CA ILE B 123 4.48 29.30 18.73
C ILE B 123 3.18 28.97 19.46
N GLU B 124 3.08 29.40 20.72
CA GLU B 124 1.88 29.15 21.50
C GLU B 124 0.66 29.69 20.77
N ASP B 125 0.81 30.87 20.18
CA ASP B 125 -0.28 31.50 19.46
C ASP B 125 -0.68 30.65 18.25
N ARG B 126 0.29 29.98 17.66
CA ARG B 126 0.05 29.12 16.50
C ARG B 126 -0.72 27.87 16.88
N VAL B 127 -0.38 27.29 18.02
CA VAL B 127 -1.05 26.10 18.52
C VAL B 127 -2.46 26.42 19.01
N GLN B 128 -2.58 27.56 19.70
CA GLN B 128 -3.87 28.00 20.22
C GLN B 128 -4.90 28.21 19.13
N GLU B 129 -4.45 28.60 17.92
CA GLU B 129 -5.39 28.82 16.82
C GLU B 129 -5.81 27.47 16.23
N GLU B 130 -4.93 26.48 16.36
CA GLU B 130 -5.25 25.15 15.85
C GLU B 130 -6.28 24.57 16.81
N ALA B 131 -6.05 24.78 18.11
CA ALA B 131 -6.96 24.29 19.13
C ALA B 131 -8.36 24.85 18.89
N HIS B 132 -8.44 26.05 18.33
CA HIS B 132 -9.74 26.63 18.05
C HIS B 132 -10.36 25.93 16.83
N CYS B 133 -9.57 25.73 15.78
CA CYS B 133 -10.08 25.08 14.58
C CYS B 133 -10.39 23.62 14.86
N LEU B 134 -9.67 23.03 15.82
CA LEU B 134 -9.88 21.63 16.18
C LEU B 134 -11.27 21.43 16.76
N VAL B 135 -11.62 22.21 17.79
CA VAL B 135 -12.94 22.09 18.41
C VAL B 135 -14.01 22.38 17.37
N GLU B 136 -13.75 23.34 16.49
CA GLU B 136 -14.71 23.71 15.47
C GLU B 136 -15.07 22.51 14.60
N GLU B 137 -14.07 21.75 14.15
CA GLU B 137 -14.38 20.58 13.33
C GLU B 137 -15.13 19.54 14.14
N LEU B 138 -14.70 19.32 15.39
CA LEU B 138 -15.35 18.36 16.27
C LEU B 138 -16.81 18.73 16.49
N ARG B 139 -17.13 20.02 16.44
CA ARG B 139 -18.51 20.46 16.62
C ARG B 139 -19.34 19.98 15.43
N LYS B 140 -18.70 19.90 14.26
CA LYS B 140 -19.37 19.49 13.03
C LYS B 140 -19.79 18.02 13.02
N THR B 141 -19.28 17.24 13.95
CA THR B 141 -19.65 15.84 14.03
C THR B 141 -21.04 15.74 14.64
N LYS B 142 -21.54 16.86 15.14
CA LYS B 142 -22.85 16.95 15.77
C LYS B 142 -23.04 15.94 16.90
N ALA B 143 -22.07 15.85 17.79
CA ALA B 143 -22.13 14.95 18.93
C ALA B 143 -22.44 13.49 18.60
N SER B 144 -22.29 13.09 17.35
CA SER B 144 -22.56 11.71 16.98
C SER B 144 -21.26 10.90 17.04
N PRO B 145 -21.36 9.56 17.16
CA PRO B 145 -20.15 8.73 17.23
C PRO B 145 -19.25 8.88 16.00
N CYS B 146 -17.95 8.91 16.25
CA CYS B 146 -16.97 9.03 15.18
C CYS B 146 -15.61 8.56 15.68
N ASP B 147 -14.73 8.26 14.74
CA ASP B 147 -13.37 7.84 15.03
C ASP B 147 -12.59 9.14 14.92
N PRO B 148 -11.99 9.61 16.02
CA PRO B 148 -11.21 10.86 16.07
C PRO B 148 -9.84 10.88 15.40
N THR B 149 -9.44 9.75 14.83
CA THR B 149 -8.14 9.61 14.18
C THR B 149 -7.81 10.69 13.16
N PHE B 150 -8.71 10.90 12.20
CA PHE B 150 -8.49 11.90 11.16
C PHE B 150 -8.42 13.33 11.70
N ILE B 151 -9.42 13.71 12.49
CA ILE B 151 -9.47 15.05 13.05
C ILE B 151 -8.31 15.30 14.00
N LEU B 152 -8.07 14.37 14.94
CA LEU B 152 -6.97 14.51 15.90
C LEU B 152 -5.63 14.50 15.18
N GLY B 153 -5.62 14.06 13.93
CA GLY B 153 -4.39 14.00 13.17
C GLY B 153 -4.13 15.25 12.35
N CYS B 154 -5.18 15.95 11.96
CA CYS B 154 -5.00 17.16 11.18
C CYS B 154 -4.39 18.27 12.05
N ALA B 155 -4.67 18.20 13.35
CA ALA B 155 -4.17 19.23 14.25
C ALA B 155 -2.65 19.30 14.37
N PRO B 156 -1.99 18.25 14.90
CA PRO B 156 -0.53 18.33 15.02
C PRO B 156 0.19 18.54 13.69
N CYS B 157 -0.43 18.09 12.60
CA CYS B 157 0.17 18.27 11.30
C CYS B 157 0.07 19.74 10.91
N ASN B 158 -1.05 20.37 11.24
CA ASN B 158 -1.21 21.78 10.94
C ASN B 158 -0.28 22.65 11.79
N VAL B 159 0.05 22.19 13.00
CA VAL B 159 0.97 22.91 13.87
C VAL B 159 2.35 22.99 13.22
N ILE B 160 2.83 21.86 12.72
CA ILE B 160 4.12 21.83 12.05
C ILE B 160 4.07 22.72 10.81
N CYS B 161 2.99 22.64 10.03
CA CYS B 161 2.86 23.45 8.83
C CYS B 161 2.98 24.93 9.18
N SER B 162 2.22 25.35 10.18
CA SER B 162 2.20 26.73 10.67
C SER B 162 3.58 27.17 11.15
N VAL B 163 4.31 26.22 11.74
CA VAL B 163 5.64 26.52 12.23
C VAL B 163 6.62 26.70 11.07
N VAL B 164 6.74 25.67 10.23
CA VAL B 164 7.68 25.71 9.10
C VAL B 164 7.23 26.56 7.92
N PHE B 165 5.93 26.64 7.67
CA PHE B 165 5.43 27.43 6.55
C PHE B 165 4.80 28.73 7.01
N GLN B 166 4.38 29.56 6.06
CA GLN B 166 3.80 30.87 6.36
C GLN B 166 2.63 30.79 7.33
N LYS B 167 1.67 29.90 7.07
CA LYS B 167 0.51 29.74 7.93
C LYS B 167 -0.13 28.37 7.76
N ARG B 168 -1.11 28.07 8.61
CA ARG B 168 -1.80 26.77 8.55
C ARG B 168 -2.64 26.65 7.29
N PHE B 169 -2.94 25.41 6.89
CA PHE B 169 -3.75 25.16 5.72
C PHE B 169 -5.19 25.02 6.20
N ASP B 170 -6.16 25.21 5.33
CA ASP B 170 -7.53 25.01 5.76
C ASP B 170 -7.65 23.49 5.68
N TYR B 171 -8.23 22.87 6.70
CA TYR B 171 -8.37 21.42 6.73
C TYR B 171 -8.80 20.80 5.41
N LYS B 172 -9.70 21.46 4.68
CA LYS B 172 -10.17 20.94 3.40
C LYS B 172 -9.24 21.25 2.23
N ASP B 173 -8.04 21.75 2.53
CA ASP B 173 -7.06 22.07 1.49
C ASP B 173 -6.30 20.82 1.02
N GLN B 174 -6.40 20.52 -0.27
CA GLN B 174 -5.75 19.35 -0.87
C GLN B 174 -4.24 19.26 -0.60
N ASN B 175 -3.51 20.32 -0.94
CA ASN B 175 -2.06 20.33 -0.74
C ASN B 175 -1.72 19.91 0.68
N PHE B 176 -2.71 19.97 1.56
CA PHE B 176 -2.54 19.61 2.96
C PHE B 176 -2.91 18.14 3.21
N LEU B 177 -4.06 17.74 2.67
CA LEU B 177 -4.53 16.37 2.84
C LEU B 177 -3.57 15.34 2.25
N THR B 178 -3.14 15.55 1.01
CA THR B 178 -2.23 14.59 0.39
C THR B 178 -0.88 14.63 1.10
N LEU B 179 -0.42 15.84 1.41
CA LEU B 179 0.84 16.04 2.09
C LEU B 179 0.86 15.22 3.38
N MET B 180 -0.29 15.22 4.06
CA MET B 180 -0.46 14.50 5.31
C MET B 180 -0.65 13.00 5.07
N LYS B 181 -1.37 12.67 4.01
CA LYS B 181 -1.62 11.26 3.67
C LYS B 181 -0.31 10.59 3.31
N ARG B 182 0.57 11.33 2.62
CA ARG B 182 1.87 10.80 2.22
C ARG B 182 2.73 10.48 3.43
N PHE B 183 2.86 11.43 4.35
CA PHE B 183 3.65 11.20 5.54
C PHE B 183 3.06 10.10 6.41
N ASN B 184 1.75 9.99 6.43
CA ASN B 184 1.09 8.98 7.22
C ASN B 184 1.21 7.58 6.61
N GLU B 185 1.01 7.48 5.31
CA GLU B 185 1.13 6.19 4.64
C GLU B 185 2.55 5.69 4.89
N ASN B 186 3.51 6.59 4.83
CA ASN B 186 4.89 6.19 5.06
C ASN B 186 5.10 5.73 6.50
N PHE B 187 4.53 6.48 7.46
CA PHE B 187 4.65 6.13 8.88
C PHE B 187 4.11 4.73 9.10
N ARG B 188 2.90 4.49 8.60
CA ARG B 188 2.23 3.19 8.73
C ARG B 188 3.06 2.01 8.18
N ILE B 189 3.75 2.24 7.08
CA ILE B 189 4.59 1.23 6.45
C ILE B 189 5.86 0.95 7.26
N LEU B 190 6.55 2.03 7.64
CA LEU B 190 7.81 1.94 8.36
C LEU B 190 7.69 1.57 9.82
N ASN B 191 6.45 1.44 10.30
CA ASN B 191 6.18 1.08 11.68
C ASN B 191 5.72 -0.37 11.73
N SER B 192 6.23 -1.17 10.80
CA SER B 192 5.87 -2.58 10.72
C SER B 192 6.97 -3.47 11.27
N PRO B 193 6.61 -4.61 11.88
CA PRO B 193 7.66 -5.48 12.42
C PRO B 193 8.66 -5.84 11.32
N TRP B 194 8.19 -5.80 10.06
CA TRP B 194 9.02 -6.14 8.90
C TRP B 194 10.25 -5.28 8.72
N ILE B 195 10.23 -4.06 9.23
CA ILE B 195 11.38 -3.15 9.12
C ILE B 195 12.54 -3.64 9.96
N GLN B 196 12.20 -4.33 11.05
CA GLN B 196 13.18 -4.92 11.95
C GLN B 196 13.95 -5.94 11.13
N VAL B 197 13.22 -6.93 10.64
CA VAL B 197 13.83 -7.97 9.84
C VAL B 197 14.65 -7.37 8.67
N CYS B 198 13.96 -6.69 7.75
CA CYS B 198 14.63 -6.12 6.57
C CYS B 198 15.86 -5.27 6.89
N ASN B 199 15.84 -4.58 8.02
CA ASN B 199 16.99 -3.75 8.39
C ASN B 199 18.20 -4.63 8.75
N ASN B 200 17.96 -5.78 9.37
CA ASN B 200 19.05 -6.67 9.75
C ASN B 200 19.36 -7.72 8.72
N PHE B 201 18.45 -7.87 7.75
CA PHE B 201 18.62 -8.83 6.67
C PHE B 201 18.33 -8.08 5.35
N PRO B 202 19.12 -7.04 5.06
CA PRO B 202 19.01 -6.20 3.86
C PRO B 202 18.52 -6.88 2.59
N LEU B 203 18.79 -8.18 2.44
CA LEU B 203 18.34 -8.90 1.26
C LEU B 203 16.81 -8.84 1.15
N LEU B 204 16.11 -9.16 2.23
CA LEU B 204 14.65 -9.13 2.25
C LEU B 204 14.04 -7.89 1.62
N ILE B 205 14.77 -6.77 1.67
CA ILE B 205 14.28 -5.54 1.09
C ILE B 205 13.94 -5.78 -0.38
N ASP B 206 14.63 -6.75 -1.00
CA ASP B 206 14.37 -7.10 -2.39
C ASP B 206 13.05 -7.84 -2.60
N CYS B 207 12.41 -8.27 -1.51
CA CYS B 207 11.13 -8.99 -1.61
C CYS B 207 9.94 -8.04 -1.49
N PHE B 208 10.23 -6.77 -1.29
CA PHE B 208 9.14 -5.79 -1.13
C PHE B 208 9.26 -4.61 -2.11
N PRO B 209 9.42 -4.91 -3.40
CA PRO B 209 9.57 -3.96 -4.50
C PRO B 209 8.53 -2.84 -4.52
N GLY B 210 7.27 -3.22 -4.35
CA GLY B 210 6.20 -2.23 -4.36
C GLY B 210 6.23 -1.28 -3.18
N THR B 211 6.38 -1.83 -1.97
CA THR B 211 6.40 -1.05 -0.76
C THR B 211 7.62 -0.17 -0.78
N HIS B 212 8.70 -0.73 -1.28
CA HIS B 212 9.95 -0.01 -1.39
C HIS B 212 9.72 1.18 -2.33
N ASN B 213 9.03 0.94 -3.44
CA ASN B 213 8.77 2.00 -4.40
C ASN B 213 7.83 3.07 -3.90
N LYS B 214 6.82 2.69 -3.13
CA LYS B 214 5.88 3.68 -2.65
C LYS B 214 6.46 4.64 -1.64
N VAL B 215 7.26 4.14 -0.71
CA VAL B 215 7.87 5.02 0.29
C VAL B 215 8.75 6.05 -0.38
N LEU B 216 9.48 5.61 -1.41
CA LEU B 216 10.40 6.47 -2.18
C LEU B 216 9.60 7.53 -2.91
N LYS B 217 8.51 7.09 -3.52
CA LYS B 217 7.63 8.00 -4.26
C LYS B 217 7.01 9.03 -3.29
N ASN B 218 6.71 8.58 -2.07
CA ASN B 218 6.13 9.47 -1.06
C ASN B 218 7.18 10.46 -0.59
N VAL B 219 8.40 9.98 -0.43
CA VAL B 219 9.51 10.82 0.01
C VAL B 219 9.86 11.85 -1.04
N ALA B 220 9.70 11.51 -2.31
CA ALA B 220 10.02 12.43 -3.39
C ALA B 220 8.96 13.51 -3.55
N LEU B 221 7.70 13.10 -3.58
CA LEU B 221 6.60 14.04 -3.73
C LEU B 221 6.51 14.99 -2.54
N THR B 222 6.84 14.48 -1.37
CA THR B 222 6.80 15.25 -0.15
C THR B 222 7.96 16.25 -0.05
N ARG B 223 9.15 15.82 -0.45
CA ARG B 223 10.34 16.69 -0.42
C ARG B 223 10.21 17.70 -1.55
N SER B 224 9.67 17.26 -2.68
CA SER B 224 9.48 18.14 -3.83
C SER B 224 8.67 19.33 -3.37
N TYR B 225 7.64 19.04 -2.57
CA TYR B 225 6.77 20.07 -2.05
C TYR B 225 7.53 21.00 -1.11
N ILE B 226 8.35 20.43 -0.24
CA ILE B 226 9.10 21.26 0.69
C ILE B 226 10.03 22.20 -0.08
N ARG B 227 10.53 21.76 -1.23
CA ARG B 227 11.41 22.58 -2.04
C ARG B 227 10.70 23.77 -2.67
N GLU B 228 9.55 23.53 -3.30
CA GLU B 228 8.80 24.64 -3.91
C GLU B 228 8.67 25.70 -2.85
N LYS B 229 8.26 25.25 -1.65
CA LYS B 229 8.06 26.13 -0.52
C LYS B 229 9.32 26.90 -0.15
N VAL B 230 10.48 26.26 -0.26
CA VAL B 230 11.72 26.92 0.07
C VAL B 230 12.03 27.97 -1.00
N LYS B 231 11.82 27.59 -2.27
CA LYS B 231 12.05 28.50 -3.37
C LYS B 231 11.06 29.66 -3.33
N GLU B 232 9.82 29.37 -2.98
CA GLU B 232 8.79 30.40 -2.89
C GLU B 232 9.14 31.40 -1.79
N HIS B 233 9.72 30.88 -0.69
CA HIS B 233 10.12 31.70 0.43
C HIS B 233 11.27 32.61 0.01
N GLN B 234 12.36 32.01 -0.48
CA GLN B 234 13.54 32.75 -0.92
C GLN B 234 13.21 33.93 -1.83
N ALA B 235 12.34 33.69 -2.81
CA ALA B 235 11.94 34.75 -3.75
C ALA B 235 10.98 35.69 -3.05
N SER B 236 11.19 35.87 -1.75
CA SER B 236 10.33 36.74 -0.95
C SER B 236 10.89 36.91 0.46
N LEU B 237 12.07 36.35 0.69
CA LEU B 237 12.70 36.44 2.00
C LEU B 237 13.02 37.87 2.42
N ASP B 238 12.59 38.21 3.64
CA ASP B 238 12.84 39.52 4.23
C ASP B 238 13.61 39.26 5.52
N VAL B 239 14.92 39.04 5.38
CA VAL B 239 15.80 38.75 6.50
C VAL B 239 15.57 39.55 7.78
N ASN B 240 15.09 40.79 7.64
CA ASN B 240 14.86 41.64 8.80
C ASN B 240 13.71 41.19 9.71
N ASN B 241 12.99 40.16 9.29
CA ASN B 241 11.88 39.63 10.09
C ASN B 241 11.30 38.32 9.53
N PRO B 242 11.60 37.20 10.22
CA PRO B 242 11.18 35.83 9.90
C PRO B 242 9.68 35.60 10.05
N ARG B 243 9.14 34.72 9.21
CA ARG B 243 7.72 34.36 9.23
C ARG B 243 7.52 32.96 9.76
N ASP B 244 8.53 32.12 9.54
CA ASP B 244 8.45 30.72 9.94
C ASP B 244 9.83 30.09 10.03
N PHE B 245 9.85 28.80 10.29
CA PHE B 245 11.08 28.03 10.41
C PHE B 245 11.95 28.18 9.17
N ILE B 246 11.31 28.16 7.99
CA ILE B 246 12.06 28.26 6.75
C ILE B 246 12.85 29.57 6.65
N ASP B 247 12.20 30.70 6.85
CA ASP B 247 12.89 31.98 6.78
C ASP B 247 14.11 32.00 7.67
N CYS B 248 13.99 31.46 8.88
CA CYS B 248 15.11 31.46 9.82
C CYS B 248 16.28 30.58 9.42
N PHE B 249 16.06 29.69 8.45
CA PHE B 249 17.13 28.81 7.99
C PHE B 249 17.87 29.58 6.89
N LEU B 250 17.10 30.24 6.04
CA LEU B 250 17.67 31.03 4.96
C LEU B 250 18.59 32.06 5.60
N ILE B 251 18.03 32.81 6.56
CA ILE B 251 18.77 33.84 7.27
C ILE B 251 20.07 33.24 7.81
N LYS B 252 19.96 32.09 8.45
CA LYS B 252 21.13 31.41 9.01
C LYS B 252 22.10 31.08 7.89
N MET B 253 21.55 30.81 6.70
CA MET B 253 22.38 30.48 5.55
C MET B 253 23.11 31.72 5.03
N GLU B 254 22.39 32.82 4.88
CA GLU B 254 22.98 34.06 4.40
C GLU B 254 24.04 34.52 5.41
N GLN B 255 23.97 33.97 6.62
CA GLN B 255 24.90 34.30 7.70
C GLN B 255 26.16 33.43 7.65
N GLU B 256 26.07 32.32 6.94
CA GLU B 256 27.19 31.40 6.80
C GLU B 256 27.56 31.28 5.32
N LYS B 257 27.17 32.29 4.54
CA LYS B 257 27.43 32.33 3.10
C LYS B 257 28.91 32.18 2.77
N ASP B 258 29.73 33.09 3.29
CA ASP B 258 31.17 33.04 3.04
C ASP B 258 31.81 32.08 4.04
N ASN B 259 31.28 30.86 4.08
CA ASN B 259 31.75 29.81 4.96
C ASN B 259 31.72 28.51 4.16
N GLN B 260 32.84 28.18 3.54
CA GLN B 260 32.97 26.97 2.71
C GLN B 260 32.36 25.70 3.31
N LYS B 261 32.53 25.50 4.61
CA LYS B 261 31.98 24.30 5.26
C LYS B 261 30.77 24.59 6.15
N SER B 262 29.74 25.17 5.53
CA SER B 262 28.49 25.51 6.22
C SER B 262 27.54 24.35 6.14
N GLU B 263 26.99 23.96 7.30
CA GLU B 263 26.04 22.85 7.37
C GLU B 263 24.66 23.32 6.90
N PHE B 264 24.49 24.63 6.84
CA PHE B 264 23.21 25.20 6.45
C PHE B 264 23.06 25.44 4.95
N ASN B 265 22.60 24.40 4.26
CA ASN B 265 22.37 24.45 2.82
C ASN B 265 20.94 23.96 2.57
N ILE B 266 20.48 24.10 1.33
CA ILE B 266 19.11 23.70 0.98
C ILE B 266 18.82 22.22 1.22
N GLU B 267 19.82 21.36 1.09
CA GLU B 267 19.63 19.93 1.28
C GLU B 267 19.28 19.53 2.72
N ASN B 268 19.93 20.13 3.70
CA ASN B 268 19.65 19.82 5.11
C ASN B 268 18.43 20.58 5.62
N LEU B 269 18.08 21.66 4.94
CA LEU B 269 16.91 22.43 5.35
C LEU B 269 15.70 21.58 5.02
N VAL B 270 15.71 20.98 3.83
CA VAL B 270 14.60 20.13 3.38
C VAL B 270 14.48 18.92 4.30
N GLY B 271 15.62 18.32 4.62
CA GLY B 271 15.60 17.17 5.48
C GLY B 271 15.10 17.47 6.88
N THR B 272 15.55 18.58 7.45
CA THR B 272 15.14 18.95 8.79
C THR B 272 13.65 19.35 8.86
N VAL B 273 13.11 19.90 7.78
CA VAL B 273 11.69 20.27 7.76
C VAL B 273 10.88 18.99 7.71
N ALA B 274 11.33 18.04 6.90
CA ALA B 274 10.64 16.76 6.76
C ALA B 274 10.68 16.01 8.08
N ASP B 275 11.79 16.16 8.78
CA ASP B 275 11.95 15.49 10.07
C ASP B 275 11.00 16.05 11.13
N LEU B 276 10.58 17.31 10.99
CA LEU B 276 9.69 17.87 11.99
C LEU B 276 8.28 17.26 11.80
N PHE B 277 7.85 17.06 10.56
CA PHE B 277 6.55 16.45 10.31
C PHE B 277 6.62 15.00 10.82
N VAL B 278 7.62 14.27 10.35
CA VAL B 278 7.79 12.89 10.74
C VAL B 278 7.88 12.65 12.25
N ALA B 279 8.85 13.28 12.88
CA ALA B 279 9.01 13.08 14.32
C ALA B 279 7.96 13.82 15.16
N GLY B 280 7.18 14.70 14.52
CA GLY B 280 6.21 15.44 15.30
C GLY B 280 4.74 15.36 14.95
N THR B 281 4.37 14.65 13.90
CA THR B 281 2.98 14.56 13.53
C THR B 281 2.30 13.35 14.14
N GLU B 282 2.68 12.17 13.67
CA GLU B 282 2.08 10.94 14.15
C GLU B 282 2.22 10.75 15.65
N THR B 283 3.34 11.23 16.19
CA THR B 283 3.62 11.11 17.61
C THR B 283 2.63 11.79 18.52
N THR B 284 2.41 13.09 18.31
CA THR B 284 1.50 13.83 19.17
C THR B 284 0.04 13.45 18.88
N SER B 285 -0.24 13.14 17.61
CA SER B 285 -1.59 12.71 17.18
C SER B 285 -1.96 11.42 17.89
N THR B 286 -1.02 10.49 17.97
CA THR B 286 -1.23 9.23 18.64
C THR B 286 -1.44 9.44 20.13
N THR B 287 -0.61 10.31 20.73
CA THR B 287 -0.72 10.58 22.16
C THR B 287 -2.06 11.22 22.45
N LEU B 288 -2.40 12.23 21.65
CA LEU B 288 -3.67 12.91 21.78
C LEU B 288 -4.79 11.89 21.80
N ARG B 289 -4.85 11.10 20.72
CA ARG B 289 -5.88 10.08 20.52
C ARG B 289 -5.91 9.08 21.65
N TYR B 290 -4.74 8.69 22.13
CA TYR B 290 -4.67 7.71 23.22
C TYR B 290 -5.14 8.40 24.50
N GLY B 291 -5.02 9.72 24.53
CA GLY B 291 -5.44 10.50 25.68
C GLY B 291 -6.96 10.64 25.80
N LEU B 292 -7.61 10.98 24.70
CA LEU B 292 -9.06 11.12 24.72
C LEU B 292 -9.71 9.81 25.10
N LEU B 293 -9.06 8.70 24.76
CA LEU B 293 -9.58 7.37 25.07
C LEU B 293 -9.47 7.03 26.56
N LEU B 294 -8.43 7.54 27.22
CA LEU B 294 -8.24 7.29 28.65
C LEU B 294 -9.21 8.16 29.45
N LEU B 295 -9.49 9.34 28.93
CA LEU B 295 -10.42 10.25 29.58
C LEU B 295 -11.85 9.72 29.44
N LEU B 296 -12.09 8.98 28.35
CA LEU B 296 -13.42 8.39 28.10
C LEU B 296 -13.60 7.23 29.07
N LYS B 297 -12.51 6.53 29.35
CA LYS B 297 -12.51 5.37 30.23
C LYS B 297 -12.57 5.79 31.68
N HIS B 298 -12.09 7.00 31.95
CA HIS B 298 -12.07 7.49 33.32
C HIS B 298 -12.80 8.84 33.41
N PRO B 299 -14.15 8.80 33.50
CA PRO B 299 -14.96 10.02 33.59
C PRO B 299 -14.64 10.88 34.83
N GLU B 300 -14.20 10.25 35.93
CA GLU B 300 -13.88 11.00 37.14
C GLU B 300 -12.70 11.93 36.90
N VAL B 301 -11.67 11.42 36.23
CA VAL B 301 -10.49 12.21 35.89
C VAL B 301 -10.95 13.41 35.05
N THR B 302 -11.76 13.14 34.03
CA THR B 302 -12.25 14.20 33.14
C THR B 302 -13.11 15.21 33.87
N ALA B 303 -13.87 14.75 34.86
CA ALA B 303 -14.72 15.66 35.63
C ALA B 303 -13.78 16.58 36.39
N LYS B 304 -12.79 16.00 37.05
CA LYS B 304 -11.82 16.79 37.81
C LYS B 304 -11.00 17.71 36.91
N VAL B 305 -10.70 17.28 35.70
CA VAL B 305 -9.93 18.14 34.81
C VAL B 305 -10.79 19.35 34.39
N GLN B 306 -12.04 19.08 34.03
CA GLN B 306 -12.96 20.16 33.64
C GLN B 306 -13.24 21.04 34.87
N GLU B 307 -13.09 20.45 36.06
CA GLU B 307 -13.31 21.21 37.28
C GLU B 307 -12.22 22.29 37.33
N GLU B 308 -10.96 21.87 37.25
CA GLU B 308 -9.84 22.79 37.26
C GLU B 308 -9.92 23.76 36.10
N ILE B 309 -10.37 23.27 34.95
CA ILE B 309 -10.48 24.12 33.79
C ILE B 309 -11.45 25.26 34.10
N ASP B 310 -12.55 24.92 34.75
CA ASP B 310 -13.57 25.93 35.10
C ASP B 310 -13.04 26.91 36.15
N HIS B 311 -12.42 26.37 37.19
CA HIS B 311 -11.87 27.16 38.28
C HIS B 311 -10.75 28.12 37.92
N VAL B 312 -9.94 27.77 36.90
CA VAL B 312 -8.80 28.61 36.51
C VAL B 312 -8.93 29.36 35.21
N ILE B 313 -9.49 28.70 34.21
CA ILE B 313 -9.64 29.29 32.88
C ILE B 313 -11.01 29.92 32.69
N GLY B 314 -11.99 29.44 33.44
CA GLY B 314 -13.34 29.95 33.32
C GLY B 314 -13.86 29.55 31.95
N ARG B 315 -15.17 29.67 31.75
CA ARG B 315 -15.73 29.26 30.48
C ARG B 315 -15.94 30.35 29.43
N HIS B 316 -15.10 31.38 29.42
CA HIS B 316 -15.26 32.43 28.43
C HIS B 316 -14.06 32.75 27.55
N ARG B 317 -12.90 32.15 27.84
CA ARG B 317 -11.71 32.37 27.04
C ARG B 317 -10.92 31.06 26.86
N SER B 318 -10.02 31.06 25.87
CA SER B 318 -9.19 29.90 25.57
C SER B 318 -8.04 29.74 26.56
N PRO B 319 -7.63 28.49 26.82
CA PRO B 319 -6.53 28.27 27.77
C PRO B 319 -5.18 28.62 27.16
N CYS B 320 -4.14 28.56 27.98
CA CYS B 320 -2.80 28.85 27.53
C CYS B 320 -1.82 28.19 28.49
N MET B 321 -0.54 28.19 28.14
CA MET B 321 0.44 27.53 28.98
C MET B 321 0.57 28.10 30.37
N GLN B 322 0.30 29.39 30.53
CA GLN B 322 0.43 29.97 31.85
C GLN B 322 -0.55 29.36 32.84
N ASP B 323 -1.64 28.79 32.32
CA ASP B 323 -2.66 28.17 33.18
C ASP B 323 -2.17 26.89 33.83
N ARG B 324 -1.33 26.16 33.10
CA ARG B 324 -0.78 24.88 33.53
C ARG B 324 -0.10 24.93 34.89
N SER B 325 0.40 26.10 35.26
CA SER B 325 1.09 26.27 36.55
C SER B 325 0.11 26.30 37.69
N HIS B 326 -1.15 26.64 37.38
CA HIS B 326 -2.19 26.71 38.38
C HIS B 326 -3.10 25.49 38.27
N MET B 327 -2.81 24.61 37.32
CA MET B 327 -3.63 23.42 37.10
C MET B 327 -2.88 22.12 37.37
N PRO B 328 -2.47 21.88 38.63
CA PRO B 328 -1.73 20.68 39.05
C PRO B 328 -2.30 19.28 38.72
N TYR B 329 -3.62 19.13 38.67
CA TYR B 329 -4.23 17.83 38.36
C TYR B 329 -4.12 17.56 36.88
N THR B 330 -4.49 18.56 36.08
CA THR B 330 -4.47 18.44 34.64
C THR B 330 -3.08 18.10 34.13
N ASP B 331 -2.08 18.73 34.72
CA ASP B 331 -0.69 18.48 34.35
C ASP B 331 -0.39 17.01 34.61
N ALA B 332 -0.79 16.53 35.78
CA ALA B 332 -0.53 15.14 36.11
C ALA B 332 -1.32 14.21 35.18
N VAL B 333 -2.44 14.70 34.65
CA VAL B 333 -3.23 13.88 33.74
C VAL B 333 -2.47 13.69 32.43
N VAL B 334 -1.86 14.77 31.93
CA VAL B 334 -1.11 14.72 30.70
C VAL B 334 0.18 13.90 30.89
N HIS B 335 0.81 14.04 32.05
CA HIS B 335 2.01 13.25 32.29
C HIS B 335 1.68 11.76 32.34
N GLU B 336 0.59 11.38 33.03
CA GLU B 336 0.23 9.96 33.14
C GLU B 336 -0.25 9.41 31.79
N ILE B 337 -0.92 10.24 31.00
CA ILE B 337 -1.39 9.83 29.69
C ILE B 337 -0.14 9.34 28.94
N GLN B 338 0.94 10.12 29.01
CA GLN B 338 2.19 9.78 28.34
C GLN B 338 2.92 8.63 29.00
N ARG B 339 2.87 8.58 30.32
CA ARG B 339 3.54 7.48 30.99
C ARG B 339 2.87 6.17 30.57
N TYR B 340 1.54 6.15 30.64
CA TYR B 340 0.72 4.97 30.33
C TYR B 340 0.66 4.60 28.85
N SER B 341 0.46 5.57 27.98
CA SER B 341 0.37 5.31 26.55
C SER B 341 1.72 4.80 26.01
N ASP B 342 2.80 5.13 26.72
CA ASP B 342 4.16 4.69 26.41
C ASP B 342 4.41 4.55 24.91
N LEU B 343 4.25 5.67 24.20
CA LEU B 343 4.38 5.76 22.75
C LEU B 343 5.51 5.00 22.04
N VAL B 344 6.71 5.07 22.61
CA VAL B 344 7.88 4.41 22.04
C VAL B 344 8.59 3.54 23.09
N PRO B 345 8.08 2.32 23.32
CA PRO B 345 8.55 1.29 24.27
C PRO B 345 10.06 0.99 24.35
N THR B 346 10.70 0.82 23.18
CA THR B 346 12.13 0.52 23.13
C THR B 346 12.92 1.80 23.02
N GLY B 347 12.22 2.89 22.72
CA GLY B 347 12.88 4.16 22.52
C GLY B 347 13.38 4.05 21.10
N VAL B 348 14.04 5.08 20.61
CA VAL B 348 14.58 5.08 19.26
C VAL B 348 16.02 4.63 19.41
N PRO B 349 16.47 3.65 18.61
CA PRO B 349 17.85 3.18 18.72
C PRO B 349 18.96 4.17 18.52
N HIS B 350 20.02 3.99 19.28
CA HIS B 350 21.21 4.83 19.19
C HIS B 350 22.38 3.98 18.71
N ALA B 351 23.56 4.60 18.68
CA ALA B 351 24.80 3.95 18.29
C ALA B 351 25.90 4.71 19.05
N VAL B 352 26.81 3.98 19.69
CA VAL B 352 27.89 4.62 20.43
C VAL B 352 28.92 5.16 19.44
N THR B 353 29.38 6.39 19.68
CA THR B 353 30.34 7.06 18.81
C THR B 353 31.77 6.51 18.79
N THR B 354 32.17 5.83 19.86
CA THR B 354 33.51 5.25 19.93
C THR B 354 33.47 4.07 20.88
N ASP B 355 34.60 3.37 21.01
CA ASP B 355 34.66 2.25 21.93
C ASP B 355 34.15 2.81 23.25
N THR B 356 33.42 2.01 24.01
CA THR B 356 32.88 2.49 25.26
C THR B 356 32.95 1.51 26.41
N LYS B 357 33.15 2.04 27.61
CA LYS B 357 33.22 1.21 28.78
C LYS B 357 31.99 1.43 29.66
N PHE B 358 31.09 0.46 29.66
CA PHE B 358 29.91 0.56 30.49
C PHE B 358 30.07 -0.47 31.59
N ARG B 359 30.67 -0.04 32.70
CA ARG B 359 30.89 -0.92 33.84
C ARG B 359 31.92 -2.02 33.52
N ASN B 360 31.49 -3.27 33.64
CA ASN B 360 32.34 -4.42 33.40
C ASN B 360 32.54 -4.75 31.93
N TYR B 361 31.86 -4.03 31.06
CA TYR B 361 31.96 -4.34 29.64
C TYR B 361 32.48 -3.24 28.75
N LEU B 362 32.91 -3.64 27.55
CA LEU B 362 33.42 -2.71 26.55
C LEU B 362 32.48 -2.85 25.36
N ILE B 363 31.94 -1.72 24.93
CA ILE B 363 31.03 -1.71 23.80
C ILE B 363 31.74 -1.08 22.62
N PRO B 364 31.98 -1.87 21.56
CA PRO B 364 32.67 -1.37 20.37
C PRO B 364 31.96 -0.26 19.60
N LYS B 365 32.74 0.75 19.21
CA LYS B 365 32.22 1.86 18.44
C LYS B 365 31.26 1.33 17.37
N GLY B 366 30.20 2.09 17.10
CA GLY B 366 29.23 1.69 16.09
C GLY B 366 28.13 0.77 16.57
N THR B 367 28.38 0.04 17.67
CA THR B 367 27.38 -0.89 18.21
C THR B 367 26.06 -0.18 18.52
N THR B 368 24.96 -0.84 18.13
CA THR B 368 23.62 -0.29 18.33
C THR B 368 23.13 -0.40 19.77
N ILE B 369 22.49 0.67 20.23
CA ILE B 369 21.99 0.78 21.60
C ILE B 369 20.49 1.01 21.71
N MET B 370 19.88 0.34 22.67
CA MET B 370 18.46 0.48 22.94
C MET B 370 18.20 0.66 24.43
N ALA B 371 17.72 1.84 24.81
CA ALA B 371 17.41 2.13 26.20
C ALA B 371 15.90 2.02 26.34
N LEU B 372 15.47 0.92 26.94
CA LEU B 372 14.05 0.63 27.11
C LEU B 372 13.28 1.62 27.98
N LEU B 373 12.70 2.63 27.32
CA LEU B 373 11.93 3.63 28.01
C LEU B 373 10.75 3.00 28.77
N THR B 374 10.31 1.81 28.38
CA THR B 374 9.20 1.14 29.06
C THR B 374 9.55 0.75 30.49
N SER B 375 10.75 0.23 30.66
CA SER B 375 11.24 -0.20 31.96
C SER B 375 11.34 0.97 32.96
N VAL B 376 11.40 2.19 32.45
CA VAL B 376 11.46 3.35 33.33
C VAL B 376 10.04 3.77 33.69
N LEU B 377 9.27 4.12 32.66
CA LEU B 377 7.88 4.54 32.81
C LEU B 377 7.01 3.52 33.56
N HIS B 378 7.43 2.26 33.58
CA HIS B 378 6.67 1.22 34.27
C HIS B 378 7.39 0.61 35.49
N ASP B 379 8.33 1.36 36.06
CA ASP B 379 9.03 0.87 37.23
C ASP B 379 8.00 0.75 38.37
N ASP B 380 7.78 -0.47 38.83
CA ASP B 380 6.78 -0.71 39.89
C ASP B 380 7.00 -0.02 41.25
N LYS B 381 8.22 0.44 41.51
CA LYS B 381 8.45 1.14 42.76
C LYS B 381 8.26 2.66 42.60
N GLU B 382 8.73 3.23 41.50
CA GLU B 382 8.55 4.65 41.27
C GLU B 382 7.08 4.94 40.95
N PHE B 383 6.39 3.95 40.39
CA PHE B 383 4.98 4.08 40.03
C PHE B 383 4.20 2.83 40.45
N PRO B 384 3.81 2.76 41.74
CA PRO B 384 3.06 1.62 42.25
C PRO B 384 1.93 1.33 41.29
N ASN B 385 1.69 0.05 41.02
CA ASN B 385 0.64 -0.35 40.07
C ASN B 385 0.84 0.49 38.82
N PRO B 386 1.96 0.26 38.10
CA PRO B 386 2.31 1.00 36.88
C PRO B 386 1.41 0.73 35.69
N ASN B 387 0.64 -0.35 35.75
CA ASN B 387 -0.24 -0.70 34.65
C ASN B 387 -1.63 -0.11 34.67
N ILE B 388 -2.05 0.37 35.84
CA ILE B 388 -3.37 0.99 35.94
C ILE B 388 -3.13 2.45 35.64
N PHE B 389 -4.09 3.09 34.98
CA PHE B 389 -3.98 4.51 34.65
C PHE B 389 -4.39 5.34 35.86
N ASP B 390 -3.43 6.00 36.48
CA ASP B 390 -3.69 6.80 37.67
C ASP B 390 -2.88 8.09 37.74
N PRO B 391 -3.54 9.25 37.64
CA PRO B 391 -2.91 10.57 37.69
C PRO B 391 -2.15 10.81 39.01
N GLY B 392 -2.40 9.97 39.99
CA GLY B 392 -1.73 10.11 41.27
C GLY B 392 -0.26 9.81 41.18
N HIS B 393 0.15 9.23 40.05
CA HIS B 393 1.56 8.92 39.85
C HIS B 393 2.36 10.21 39.69
N PHE B 394 1.67 11.34 39.62
CA PHE B 394 2.31 12.63 39.48
C PHE B 394 1.71 13.64 40.47
N LEU B 395 1.09 13.09 41.51
CA LEU B 395 0.45 13.89 42.55
C LEU B 395 1.03 13.53 43.93
N ASP B 396 1.27 14.55 44.76
CA ASP B 396 1.80 14.33 46.09
C ASP B 396 0.62 14.17 47.08
N LYS B 397 0.91 13.98 48.37
CA LYS B 397 -0.15 13.80 49.35
C LYS B 397 -1.08 15.01 49.51
N ASN B 398 -0.56 16.21 49.25
CA ASN B 398 -1.33 17.46 49.35
C ASN B 398 -2.11 17.75 48.07
N GLY B 399 -1.82 16.98 47.02
CA GLY B 399 -2.48 17.19 45.75
C GLY B 399 -1.70 18.03 44.77
N ASN B 400 -0.43 18.28 45.08
CA ASN B 400 0.42 19.08 44.19
C ASN B 400 1.14 18.22 43.14
N PHE B 401 1.55 18.86 42.04
CA PHE B 401 2.23 18.14 40.97
C PHE B 401 3.57 17.59 41.43
N LYS B 402 3.80 16.31 41.20
CA LYS B 402 5.04 15.67 41.61
C LYS B 402 5.90 15.16 40.44
N LYS B 403 6.91 15.98 40.11
CA LYS B 403 7.86 15.69 39.04
C LYS B 403 8.58 14.37 39.36
N SER B 404 8.91 13.63 38.32
CA SER B 404 9.62 12.37 38.49
C SER B 404 10.82 12.30 37.56
N ASP B 405 11.85 11.59 38.00
CA ASP B 405 13.04 11.44 37.18
C ASP B 405 12.80 10.32 36.17
N TYR B 406 11.79 9.49 36.42
CA TYR B 406 11.44 8.37 35.55
C TYR B 406 10.53 8.77 34.38
N PHE B 407 10.16 10.05 34.30
CA PHE B 407 9.30 10.49 33.21
C PHE B 407 10.18 10.65 31.96
N MET B 408 10.24 9.62 31.13
CA MET B 408 11.08 9.66 29.92
C MET B 408 10.41 9.38 28.57
N PRO B 409 9.18 9.84 28.36
CA PRO B 409 8.56 9.56 27.06
C PRO B 409 9.21 10.27 25.85
N PHE B 410 10.12 11.20 26.12
CA PHE B 410 10.80 11.95 25.07
C PHE B 410 12.26 11.48 25.05
N SER B 411 12.54 10.44 25.82
CA SER B 411 13.90 9.90 25.95
C SER B 411 14.69 10.88 26.83
N ALA B 412 15.95 10.56 27.10
CA ALA B 412 16.81 11.40 27.94
C ALA B 412 18.19 11.55 27.32
N GLY B 413 18.95 12.52 27.82
CA GLY B 413 20.30 12.76 27.33
C GLY B 413 20.37 13.75 26.19
N LYS B 414 21.54 13.84 25.56
CA LYS B 414 21.80 14.74 24.44
C LYS B 414 20.78 14.64 23.32
N ARG B 415 20.17 13.46 23.18
CA ARG B 415 19.21 13.25 22.10
C ARG B 415 17.73 13.33 22.51
N ILE B 416 17.44 13.84 23.69
CA ILE B 416 16.05 13.98 24.16
C ILE B 416 15.23 14.63 23.05
N CYS B 417 13.96 14.28 22.95
CA CYS B 417 13.10 14.85 21.93
C CYS B 417 13.39 16.33 21.71
N ALA B 418 13.73 16.68 20.46
CA ALA B 418 14.04 18.05 20.11
C ALA B 418 12.80 18.95 20.08
N GLY B 419 11.64 18.33 20.16
CA GLY B 419 10.41 19.13 20.13
C GLY B 419 9.50 18.91 21.32
N GLU B 420 10.08 18.58 22.47
CA GLU B 420 9.33 18.33 23.69
C GLU B 420 8.35 19.45 24.04
N GLY B 421 8.85 20.68 24.09
CA GLY B 421 8.03 21.83 24.43
C GLY B 421 6.78 22.00 23.58
N LEU B 422 6.94 21.90 22.25
CA LEU B 422 5.79 22.05 21.35
C LEU B 422 4.85 20.89 21.62
N ALA B 423 5.43 19.72 21.86
CA ALA B 423 4.67 18.51 22.14
C ALA B 423 3.84 18.66 23.40
N ARG B 424 4.51 18.88 24.53
CA ARG B 424 3.86 19.04 25.81
C ARG B 424 2.89 20.21 25.75
N MET B 425 3.07 21.05 24.74
CA MET B 425 2.22 22.22 24.54
C MET B 425 0.96 21.88 23.75
N GLU B 426 1.12 21.14 22.64
CA GLU B 426 -0.05 20.75 21.86
C GLU B 426 -0.95 19.90 22.75
N LEU B 427 -0.34 18.95 23.46
CA LEU B 427 -1.08 18.08 24.37
C LEU B 427 -1.97 18.85 25.34
N PHE B 428 -1.36 19.68 26.18
CA PHE B 428 -2.08 20.47 27.19
C PHE B 428 -3.15 21.40 26.60
N LEU B 429 -2.76 22.22 25.62
CA LEU B 429 -3.71 23.13 24.97
C LEU B 429 -4.80 22.37 24.24
N PHE B 430 -4.45 21.39 23.41
CA PHE B 430 -5.47 20.65 22.67
C PHE B 430 -6.41 19.90 23.59
N LEU B 431 -5.86 19.26 24.62
CA LEU B 431 -6.73 18.52 25.54
C LEU B 431 -7.67 19.43 26.34
N THR B 432 -7.10 20.37 27.10
CA THR B 432 -7.92 21.24 27.91
C THR B 432 -8.92 22.02 27.08
N THR B 433 -8.54 22.42 25.87
CA THR B 433 -9.45 23.19 25.01
C THR B 433 -10.62 22.30 24.57
N ILE B 434 -10.34 21.04 24.29
CA ILE B 434 -11.41 20.12 23.90
C ILE B 434 -12.33 19.86 25.09
N LEU B 435 -11.77 19.70 26.30
CA LEU B 435 -12.58 19.42 27.48
C LEU B 435 -13.41 20.61 27.96
N GLN B 436 -12.94 21.80 27.62
CA GLN B 436 -13.61 23.05 27.99
C GLN B 436 -14.90 23.22 27.18
N ASN B 437 -14.91 22.64 25.97
CA ASN B 437 -16.06 22.74 25.08
C ASN B 437 -16.87 21.44 24.92
N PHE B 438 -16.33 20.31 25.37
CA PHE B 438 -17.04 19.04 25.19
C PHE B 438 -16.99 18.09 26.36
N ASN B 439 -17.92 17.13 26.33
CA ASN B 439 -17.97 16.08 27.32
C ASN B 439 -17.75 14.83 26.49
N LEU B 440 -17.34 13.73 27.11
CA LEU B 440 -17.05 12.52 26.37
C LEU B 440 -17.97 11.34 26.67
N LYS B 441 -18.68 10.90 25.64
CA LYS B 441 -19.65 9.80 25.71
C LYS B 441 -19.24 8.74 24.69
N SER B 442 -19.60 7.48 24.96
CA SER B 442 -19.23 6.38 24.07
C SER B 442 -20.34 5.58 23.40
N VAL B 443 -21.60 5.98 23.59
CA VAL B 443 -22.73 5.24 23.01
C VAL B 443 -22.52 3.74 23.19
N ASP B 444 -22.02 3.37 24.37
CA ASP B 444 -21.76 1.98 24.71
C ASP B 444 -21.30 1.91 26.17
N ASP B 445 -21.12 0.69 26.66
CA ASP B 445 -20.67 0.48 28.05
C ASP B 445 -19.16 0.70 28.14
N LEU B 446 -18.72 1.30 29.26
CA LEU B 446 -17.30 1.57 29.47
C LEU B 446 -16.57 0.32 29.97
N LYS B 447 -17.35 -0.69 30.37
CA LYS B 447 -16.81 -1.97 30.83
C LYS B 447 -16.11 -2.63 29.65
N ASN B 448 -16.64 -2.38 28.46
CA ASN B 448 -16.11 -2.93 27.22
C ASN B 448 -14.89 -2.16 26.71
N LEU B 449 -14.87 -0.85 26.97
CA LEU B 449 -13.77 -0.01 26.51
C LEU B 449 -12.41 -0.56 26.91
N ASN B 450 -11.68 -1.06 25.92
CA ASN B 450 -10.35 -1.62 26.13
C ASN B 450 -9.27 -0.56 25.87
N THR B 451 -8.34 -0.39 26.80
CA THR B 451 -7.30 0.61 26.62
C THR B 451 -5.91 0.03 26.45
N THR B 452 -5.84 -1.29 26.32
CA THR B 452 -4.56 -1.97 26.13
C THR B 452 -3.98 -1.60 24.78
N ALA B 453 -2.71 -1.21 24.76
CA ALA B 453 -2.07 -0.82 23.53
C ALA B 453 -1.84 -2.00 22.59
N VAL B 454 -1.63 -1.70 21.32
CA VAL B 454 -1.34 -2.73 20.33
C VAL B 454 0.15 -2.55 20.04
N THR B 455 0.93 -3.61 20.25
CA THR B 455 2.36 -3.54 20.00
C THR B 455 2.75 -4.45 18.86
N LYS B 456 3.38 -3.85 17.85
CA LYS B 456 3.84 -4.56 16.68
C LYS B 456 4.98 -3.70 16.13
N GLY B 457 4.77 -2.39 16.14
CA GLY B 457 5.78 -1.48 15.63
C GLY B 457 6.55 -0.68 16.68
N ILE B 458 7.63 -0.05 16.24
CA ILE B 458 8.44 0.75 17.14
C ILE B 458 7.57 1.79 17.87
N VAL B 459 6.46 2.14 17.25
CA VAL B 459 5.51 3.12 17.81
C VAL B 459 4.19 2.45 18.21
N SER B 460 3.94 2.35 19.52
CA SER B 460 2.70 1.74 19.98
C SER B 460 1.49 2.62 19.69
N LEU B 461 0.33 1.99 19.63
CA LEU B 461 -0.88 2.70 19.33
C LEU B 461 -2.01 2.26 20.24
N PRO B 462 -3.03 3.10 20.39
CA PRO B 462 -4.18 2.76 21.24
C PRO B 462 -5.13 1.95 20.34
N PRO B 463 -5.92 1.05 20.94
CA PRO B 463 -6.87 0.26 20.12
C PRO B 463 -7.90 1.19 19.53
N SER B 464 -8.47 0.79 18.40
CA SER B 464 -9.49 1.58 17.71
C SER B 464 -10.69 1.85 18.65
N TYR B 465 -11.43 2.93 18.40
CA TYR B 465 -12.59 3.27 19.23
C TYR B 465 -13.42 4.41 18.67
N GLN B 466 -14.71 4.41 19.01
CA GLN B 466 -15.66 5.43 18.58
C GLN B 466 -15.83 6.37 19.79
N ILE B 467 -16.18 7.62 19.53
CA ILE B 467 -16.38 8.55 20.61
C ILE B 467 -17.37 9.66 20.24
N CYS B 468 -18.17 10.05 21.22
CA CYS B 468 -19.14 11.10 20.99
C CYS B 468 -18.69 12.37 21.69
N PHE B 469 -18.52 13.44 20.90
CA PHE B 469 -18.12 14.71 21.47
C PHE B 469 -19.38 15.53 21.74
N ILE B 470 -19.86 15.45 22.97
CA ILE B 470 -21.06 16.17 23.39
C ILE B 470 -20.74 17.59 23.87
N PRO B 471 -21.23 18.61 23.15
CA PRO B 471 -20.98 20.01 23.55
C PRO B 471 -21.47 20.28 24.96
N VAL B 472 -20.66 21.00 25.73
CA VAL B 472 -21.05 21.30 27.10
C VAL B 472 -22.20 22.30 27.14
S SO4 C . -22.18 -12.63 -31.62
O1 SO4 C . -23.53 -12.36 -32.17
O2 SO4 C . -21.98 -11.82 -30.40
O3 SO4 C . -22.04 -14.06 -31.31
O4 SO4 C . -21.17 -12.24 -32.63
CHA HEM D . -10.55 -16.21 -17.92
CHB HEM D . -7.29 -14.18 -20.66
CHC HEM D . -9.99 -10.31 -20.93
CHD HEM D . -13.41 -12.57 -18.60
C1A HEM D . -9.38 -16.05 -18.65
C2A HEM D . -8.23 -16.87 -18.56
C3A HEM D . -7.29 -16.28 -19.34
C4A HEM D . -7.90 -15.12 -19.87
CMA HEM D . -5.81 -16.77 -19.62
CAA HEM D . -8.16 -18.16 -17.74
CBA HEM D . -8.56 -19.40 -18.46
CGA HEM D . -8.49 -20.64 -17.61
O1A HEM D . -7.93 -21.65 -18.06
O2A HEM D . -8.96 -20.67 -16.49
C1B HEM D . -7.65 -12.87 -20.98
C2B HEM D . -6.88 -11.96 -21.71
C3B HEM D . -7.67 -10.79 -21.78
C4B HEM D . -8.87 -11.12 -21.07
CMB HEM D . -5.50 -12.24 -22.27
CAB HEM D . -7.41 -9.53 -22.38
CBB HEM D . -6.68 -9.21 -23.63
C1C HEM D . -11.29 -10.61 -20.50
C2C HEM D . -12.35 -9.72 -20.51
C3C HEM D . -13.35 -10.30 -19.69
C4C HEM D . -12.79 -11.53 -19.26
CMC HEM D . -12.40 -8.36 -21.28
CAC HEM D . -14.63 -9.91 -19.31
CBC HEM D . -15.65 -9.24 -20.01
C1D HEM D . -12.88 -13.67 -18.04
C2D HEM D . -13.54 -14.52 -17.13
C3D HEM D . -12.73 -15.61 -16.95
C4D HEM D . -11.62 -15.36 -17.77
CMD HEM D . -14.90 -14.28 -16.45
CAD HEM D . -12.98 -16.87 -16.05
CBD HEM D . -13.73 -18.01 -16.84
CGD HEM D . -14.03 -19.35 -16.11
O1D HEM D . -13.28 -19.78 -15.25
O2D HEM D . -15.05 -20.00 -16.42
NA HEM D . -9.15 -14.99 -19.46
NB HEM D . -8.80 -12.36 -20.61
NC HEM D . -11.55 -11.66 -19.77
ND HEM D . -11.74 -14.20 -18.40
FE HEM D . -10.32 -13.30 -19.57
C1 9CR E . -6.29 -12.98 -13.60
C2 9CR E . -5.76 -13.04 -15.13
C3 9CR E . -6.85 -13.27 -16.28
C4 9CR E . -7.87 -14.38 -15.93
C5 9CR E . -8.47 -14.37 -14.48
C6 9CR E . -7.77 -13.73 -13.33
C7 9CR E . -8.25 -13.67 -11.94
C8 9CR E . -8.51 -14.61 -10.99
C9 9CR E . -9.37 -14.60 -9.86
C10 9CR E . -9.50 -15.78 -9.06
C11 9CR E . -8.82 -16.98 -9.31
C12 9CR E . -8.97 -18.07 -8.51
C13 9CR E . -8.32 -19.32 -8.68
C14 9CR E . -8.65 -20.24 -7.69
C15 9CR E . -8.13 -21.69 -7.52
C16 9CR E . -6.50 -11.40 -13.28
C17 9CR E . -5.13 -13.39 -12.71
C18 9CR E . -9.81 -15.10 -14.42
C19 9CR E . -10.20 -13.40 -9.39
C20 9CR E . -7.33 -19.65 -9.85
O1 9CR E . -7.48 -21.95 -6.51
O2 9CR E . -8.37 -22.57 -8.39
C1 9CR F . -4.26 -16.34 -7.95
C2 9CR F . -4.60 -17.62 -7.02
C3 9CR F . -5.84 -17.48 -6.04
C4 9CR F . -5.78 -16.17 -5.20
C5 9CR F . -5.52 -14.86 -6.00
C6 9CR F . -4.80 -14.85 -7.33
C7 9CR F . -4.51 -13.67 -8.16
C8 9CR F . -5.27 -12.78 -8.87
C9 9CR F . -4.99 -11.46 -9.36
C10 9CR F . -5.87 -10.38 -9.06
C11 9CR F . -7.01 -10.53 -8.29
C12 9CR F . -7.85 -9.48 -8.00
C13 9CR F . -9.03 -9.59 -7.21
C14 9CR F . -9.73 -8.41 -7.05
C15 9CR F . -11.05 -8.14 -6.28
C16 9CR F . -5.07 -16.57 -9.34
C17 9CR F . -2.79 -16.44 -8.35
C18 9CR F . -6.07 -13.63 -5.27
C19 9CR F . -3.77 -11.10 -10.23
C20 9CR F . -9.53 -10.96 -6.57
O1 9CR F . -11.16 -7.10 -5.63
O2 9CR F . -11.99 -8.98 -6.32
C1 PLM G . 1.24 -5.57 5.94
O1 PLM G . 1.08 -5.14 7.10
O2 PLM G . 0.57 -6.49 5.47
C2 PLM G . 2.28 -4.92 5.06
C3 PLM G . 3.69 -5.39 5.34
C4 PLM G . 4.64 -4.67 4.42
C5 PLM G . 6.08 -5.08 4.65
C6 PLM G . 6.99 -4.35 3.70
C7 PLM G . 8.29 -3.97 4.34
C8 PLM G . 9.15 -3.25 3.33
C9 PLM G . 10.48 -2.83 3.91
CA PLM G . 11.32 -2.13 2.87
CB PLM G . 11.46 -0.65 3.18
CC PLM G . 12.30 0.02 2.11
CD PLM G . 12.44 1.50 2.40
CE PLM G . 13.27 2.18 1.32
CF PLM G . 12.47 3.26 0.61
CG PLM G . 13.28 3.95 -0.46
S SO4 H . 10.70 28.87 25.49
O1 SO4 H . 10.24 28.13 24.30
O2 SO4 H . 10.98 30.27 25.11
O3 SO4 H . 9.66 28.83 26.53
O4 SO4 H . 11.94 28.24 26.02
CHA HEM I . 13.10 12.65 19.02
CHB HEM I . 9.36 11.55 21.65
CHC HEM I . 6.93 15.04 19.65
CHD HEM I . 10.69 16.13 17.00
C1A HEM I . 12.24 11.86 19.78
C2A HEM I . 12.57 10.66 20.45
C3A HEM I . 11.50 10.37 21.25
C4A HEM I . 10.56 11.40 21.02
CMA HEM I . 11.32 9.13 22.22
CAA HEM I . 13.88 9.91 20.28
CBA HEM I . 14.97 10.32 21.23
CGA HEM I . 16.25 9.55 21.07
O1A HEM I . 16.66 8.88 22.02
O2A HEM I . 16.88 9.57 20.01
C1B HEM I . 8.25 12.33 21.31
C2B HEM I . 6.94 12.17 21.80
C3B HEM I . 6.18 13.16 21.11
C4B HEM I . 7.13 13.82 20.28
CMB HEM I . 6.51 11.14 22.82
CAB HEM I . 4.80 13.45 21.18
CBB HEM I . 3.88 13.49 22.36
C1C HEM I . 7.76 15.79 18.84
C2C HEM I . 7.38 16.94 18.17
C3C HEM I . 8.46 17.27 17.32
C4C HEM I . 9.42 16.26 17.56
CMC HEM I . 6.04 17.72 18.34
CAC HEM I . 8.64 18.29 16.44
CBC HEM I . 9.24 19.55 16.63
C1D HEM I . 11.72 15.35 17.36
C2D HEM I . 12.97 15.30 16.71
C3D HEM I . 13.66 14.26 17.22
C4D HEM I . 12.79 13.71 18.19
CMD HEM I . 13.48 16.25 15.60
CAD HEM I . 15.10 13.76 16.85
CBD HEM I . 16.19 14.45 17.71
CGD HEM I . 17.67 14.08 17.49
O1D HEM I . 17.99 13.04 16.99
O2D HEM I . 18.56 14.88 17.84
NA HEM I . 11.01 12.28 20.16
NB HEM I . 8.33 13.31 20.42
NC HEM I . 8.96 15.40 18.47
ND HEM I . 11.65 14.38 18.24
FE HEM I . 9.99 13.88 19.36
C1 9CR J . 9.68 7.86 15.14
C2 9CR J . 9.07 8.01 16.63
C3 9CR J . 9.45 9.31 17.44
C4 9CR J . 10.98 9.60 17.40
C5 9CR J . 11.66 9.55 16.00
C6 9CR J . 11.10 8.73 14.86
C7 9CR J . 11.67 8.62 13.53
C8 9CR J . 12.77 8.00 13.00
C9 9CR J . 13.51 8.20 11.80
C10 9CR J . 14.81 7.60 11.65
C11 9CR J . 15.45 6.81 12.62
C12 9CR J . 16.69 6.26 12.39
C13 9CR J . 17.44 5.44 13.30
C14 9CR J . 18.66 5.00 12.79
C15 9CR J . 19.74 4.07 13.43
C16 9CR J . 8.56 8.47 14.16
C17 9CR J . 9.71 6.38 14.83
C18 9CR J . 12.93 10.41 15.95
C19 9CR J . 13.02 9.01 10.61
C20 9CR J . 16.94 5.03 14.73
O1 9CR J . 20.10 3.07 12.81
O2 9CR J . 20.22 4.34 14.58
C1 9CR K . 13.01 2.69 12.62
C2 9CR K . 14.56 2.23 12.50
C3 9CR K . 15.44 2.92 11.36
C4 9CR K . 14.71 2.97 9.98
C5 9CR K . 13.21 3.45 9.99
C6 9CR K . 12.34 3.34 11.22
C7 9CR K . 10.96 3.75 11.32
C8 9CR K . 10.28 4.92 11.32
C9 9CR K . 8.89 5.20 11.29
C10 9CR K . 8.38 6.13 10.35
C11 9CR K . 9.15 6.82 9.41
C12 9CR K . 8.60 7.71 8.51
C13 9CR K . 9.32 8.43 7.50
C14 9CR K . 8.50 9.22 6.71
C15 9CR K . 8.84 10.14 5.52
C16 9CR K . 13.02 3.89 13.71
C17 9CR K . 12.24 1.57 13.31
C18 9CR K . 12.77 4.02 8.64
C19 9CR K . 7.87 4.55 12.23
C20 9CR K . 10.89 8.32 7.28
O1 9CR K . 9.92 10.78 5.49
O2 9CR K . 8.03 10.22 4.60
C1 PLM L . 5.82 -5.26 -2.00
O1 PLM L . 6.00 -5.87 -3.07
O2 PLM L . 6.58 -4.36 -1.60
C2 PLM L . 4.62 -5.61 -1.16
C3 PLM L . 4.38 -7.10 -1.05
C4 PLM L . 3.16 -7.34 -0.20
C5 PLM L . 2.87 -8.80 -0.05
C6 PLM L . 1.55 -9.00 0.64
C7 PLM L . 1.12 -10.44 0.55
C8 PLM L . -0.18 -10.61 1.24
C9 PLM L . -0.65 -12.04 1.16
CA PLM L . -1.97 -12.20 1.86
CB PLM L . -3.08 -11.52 1.08
CC PLM L . -4.40 -11.69 1.79
CD PLM L . -5.51 -11.01 1.04
CE PLM L . -6.83 -11.20 1.77
CF PLM L . -7.63 -12.36 1.21
CG PLM L . -8.93 -12.50 1.97
#